data_2NQ2
#
_entry.id   2NQ2
#
_cell.length_a   97.846
_cell.length_b   142.465
_cell.length_c   150.268
_cell.angle_alpha   90.000
_cell.angle_beta   90.000
_cell.angle_gamma   90.000
#
_symmetry.space_group_name_H-M   'P 21 21 21'
#
loop_
_entity.id
_entity.type
_entity.pdbx_description
1 polymer 'Hypothetical ABC transporter permease protein HI1471'
2 polymer 'Hypothetical ABC transporter ATP-binding protein HI1470'
3 water water
#
loop_
_entity_poly.entity_id
_entity_poly.type
_entity_poly.pdbx_seq_one_letter_code
_entity_poly.pdbx_strand_id
1 'polypeptide(L)'
;MQPDSYPKILFGLTLLLVITAVISLGIGRYSLSVPQIGQILWAKATALEIDPVQQQVIFQVRLPRILTALCVGAGLALSG
VVLQGIFRNPLVNPHIIGVTSGSAFGGTLAIFFGFSLYGLFTSTILFGFGTLALVFLFSFKFNQRSLLMLILIGMILSGL
FSALVSLLQYISDTEEKLPSIVFWLMGSFATSNWEKLLFFFVPFLLCSSILLSLSWRLNLLSLDEKEAKALGVKMAPLRW
LVIFLSGSLVACQVAISGSIGWVGLIIPHLSRMLVGANHQSLLPCTMLVGATYMLLVDNVARSLSDAEIPISILTALIGA
PLFGVLVYKLKRGGMNE
;
A,B
2 'polypeptide(L)'
;MNKALSVENLGFYYQAENFLFQQLNFDLNKGDILAVLGQNGCGKSTLLDLLLGIHRPIQGKIEVYQSIGFVPQFFSSPFA
YSVLDIVLMGRSTHINTFAKPKSHDYQVAMQALDYLNLTHLAKREFTSLSGGQRQLILIARAIASECKLILLDEPTSALD
LANQDIVLSLLIDLAQSQNMTVVFTTHQPNQVVAIANKTLLLNKQNFKFGETRNILTSENLTALFHLPMFEQQAQYKESF
FTHFVPLYKTLLK
;
C,D
#
# COMPACT_ATOMS: atom_id res chain seq x y z
N TYR A 6 -5.64 -22.23 24.26
CA TYR A 6 -6.41 -22.22 22.98
C TYR A 6 -7.77 -22.90 23.14
N PRO A 7 -7.78 -24.20 23.51
CA PRO A 7 -9.05 -24.89 23.68
C PRO A 7 -9.96 -24.18 24.68
N LYS A 8 -9.34 -23.59 25.70
CA LYS A 8 -10.08 -22.87 26.73
C LYS A 8 -10.81 -21.68 26.12
N ILE A 9 -10.23 -21.08 25.09
CA ILE A 9 -10.85 -19.94 24.42
C ILE A 9 -11.98 -20.39 23.51
N LEU A 10 -11.76 -21.47 22.76
CA LEU A 10 -12.78 -21.99 21.85
C LEU A 10 -13.99 -22.47 22.63
N PHE A 11 -13.74 -23.18 23.72
CA PHE A 11 -14.82 -23.71 24.55
C PHE A 11 -15.62 -22.55 25.14
N GLY A 12 -14.93 -21.46 25.44
CA GLY A 12 -15.60 -20.30 26.00
C GLY A 12 -16.49 -19.60 24.98
N LEU A 13 -15.98 -19.44 23.77
CA LEU A 13 -16.75 -18.79 22.71
C LEU A 13 -17.93 -19.65 22.28
N THR A 14 -17.72 -20.97 22.27
CA THR A 14 -18.77 -21.89 21.88
C THR A 14 -19.78 -22.02 23.04
N LEU A 15 -19.54 -21.25 24.10
CA LEU A 15 -20.41 -21.23 25.26
C LEU A 15 -21.37 -20.05 25.08
N LEU A 16 -20.80 -18.88 24.78
CA LEU A 16 -21.60 -17.67 24.56
C LEU A 16 -22.58 -17.93 23.42
N LEU A 17 -22.11 -18.63 22.40
CA LEU A 17 -22.91 -18.96 21.25
C LEU A 17 -24.22 -19.60 21.72
N VAL A 18 -24.12 -20.58 22.62
CA VAL A 18 -25.30 -21.26 23.14
C VAL A 18 -26.09 -20.37 24.09
N ILE A 19 -25.39 -19.73 25.02
CA ILE A 19 -26.04 -18.84 25.99
C ILE A 19 -26.84 -17.74 25.30
N THR A 20 -26.27 -17.14 24.25
CA THR A 20 -26.96 -16.07 23.53
C THR A 20 -28.10 -16.64 22.67
N ALA A 21 -27.93 -17.87 22.20
CA ALA A 21 -28.95 -18.50 21.39
C ALA A 21 -30.17 -18.76 22.26
N VAL A 22 -29.94 -19.36 23.43
CA VAL A 22 -31.01 -19.65 24.36
C VAL A 22 -31.68 -18.35 24.78
N ILE A 23 -30.87 -17.37 25.18
CA ILE A 23 -31.40 -16.08 25.60
C ILE A 23 -32.26 -15.46 24.50
N SER A 24 -31.92 -15.75 23.25
CA SER A 24 -32.68 -15.22 22.12
C SER A 24 -34.15 -15.62 22.24
N LEU A 25 -34.38 -16.85 22.68
CA LEU A 25 -35.73 -17.37 22.85
C LEU A 25 -36.54 -16.50 23.80
N GLY A 26 -35.85 -15.66 24.57
CA GLY A 26 -36.52 -14.78 25.50
C GLY A 26 -36.84 -13.40 24.97
N ILE A 27 -36.95 -13.28 23.65
CA ILE A 27 -37.26 -11.99 23.04
C ILE A 27 -38.37 -12.13 21.99
N GLY A 28 -39.27 -11.15 21.95
CA GLY A 28 -40.34 -11.19 20.98
C GLY A 28 -41.68 -11.67 21.51
N ARG A 29 -42.69 -11.61 20.64
CA ARG A 29 -44.04 -12.05 20.99
C ARG A 29 -44.00 -13.53 21.36
N TYR A 30 -44.83 -13.93 22.31
CA TYR A 30 -44.90 -15.33 22.73
C TYR A 30 -43.53 -15.89 23.10
N SER A 31 -42.73 -15.10 23.82
CA SER A 31 -41.39 -15.54 24.22
C SER A 31 -41.35 -16.15 25.63
N LEU A 32 -40.17 -16.14 26.23
CA LEU A 32 -39.95 -16.68 27.57
C LEU A 32 -39.44 -15.51 28.42
N SER A 33 -39.22 -15.75 29.71
CA SER A 33 -38.74 -14.67 30.58
C SER A 33 -37.83 -15.10 31.72
N VAL A 34 -38.15 -16.23 32.34
CA VAL A 34 -37.35 -16.75 33.45
C VAL A 34 -36.91 -18.19 33.25
N PRO A 35 -37.62 -18.98 32.42
CA PRO A 35 -37.20 -20.37 32.22
C PRO A 35 -35.73 -20.49 31.86
N GLN A 36 -34.96 -21.11 32.74
CA GLN A 36 -33.53 -21.32 32.54
C GLN A 36 -33.35 -22.69 31.90
N ILE A 37 -33.21 -22.71 30.58
CA ILE A 37 -33.03 -23.95 29.83
C ILE A 37 -31.55 -24.35 29.74
N ASP A 51 -45.67 -23.40 23.87
CA ASP A 51 -46.02 -24.10 25.09
C ASP A 51 -47.46 -23.80 25.48
N PRO A 52 -48.42 -24.21 24.62
CA PRO A 52 -48.18 -24.91 23.36
C PRO A 52 -47.83 -23.92 22.23
N VAL A 53 -48.28 -22.68 22.40
CA VAL A 53 -48.03 -21.63 21.42
C VAL A 53 -46.54 -21.30 21.36
N GLN A 54 -45.94 -21.10 22.53
CA GLN A 54 -44.52 -20.79 22.65
C GLN A 54 -43.67 -21.83 21.92
N GLN A 55 -44.00 -23.10 22.15
CA GLN A 55 -43.29 -24.20 21.54
C GLN A 55 -43.32 -24.13 20.02
N GLN A 56 -44.42 -23.67 19.46
CA GLN A 56 -44.53 -23.56 18.01
C GLN A 56 -43.83 -22.32 17.48
N VAL A 57 -43.79 -21.27 18.29
CA VAL A 57 -43.11 -20.04 17.92
C VAL A 57 -41.60 -20.28 17.91
N ILE A 58 -41.15 -21.15 18.80
CA ILE A 58 -39.74 -21.49 18.90
C ILE A 58 -39.30 -22.37 17.72
N PHE A 59 -40.02 -23.46 17.48
CA PHE A 59 -39.67 -24.39 16.40
C PHE A 59 -39.89 -23.89 14.98
N GLN A 60 -40.95 -23.12 14.76
CA GLN A 60 -41.26 -22.66 13.41
C GLN A 60 -40.84 -21.21 13.09
N VAL A 61 -40.66 -20.38 14.11
CA VAL A 61 -40.28 -19.00 13.87
C VAL A 61 -38.89 -18.62 14.39
N ARG A 62 -38.79 -18.47 15.71
CA ARG A 62 -37.56 -18.07 16.38
C ARG A 62 -36.30 -18.89 16.08
N LEU A 63 -36.34 -20.19 16.35
CA LEU A 63 -35.19 -21.05 16.12
C LEU A 63 -34.62 -20.88 14.71
N PRO A 64 -35.48 -20.91 13.67
CA PRO A 64 -35.04 -20.76 12.29
C PRO A 64 -34.23 -19.48 12.06
N ARG A 65 -34.66 -18.37 12.66
CA ARG A 65 -33.94 -17.11 12.48
C ARG A 65 -32.64 -17.13 13.27
N ILE A 66 -32.68 -17.66 14.48
CA ILE A 66 -31.49 -17.74 15.34
C ILE A 66 -30.35 -18.50 14.65
N LEU A 67 -30.67 -19.67 14.10
CA LEU A 67 -29.68 -20.48 13.43
C LEU A 67 -29.23 -19.85 12.12
N THR A 68 -30.11 -19.10 11.48
CA THR A 68 -29.77 -18.43 10.23
C THR A 68 -28.76 -17.30 10.49
N ALA A 69 -29.00 -16.54 11.54
CA ALA A 69 -28.10 -15.45 11.89
C ALA A 69 -26.75 -16.04 12.24
N LEU A 70 -26.76 -17.11 13.05
CA LEU A 70 -25.53 -17.78 13.47
C LEU A 70 -24.66 -18.26 12.30
N CYS A 71 -25.26 -18.96 11.35
CA CYS A 71 -24.52 -19.48 10.21
C CYS A 71 -24.07 -18.38 9.24
N VAL A 72 -24.91 -17.35 9.08
CA VAL A 72 -24.58 -16.26 8.19
C VAL A 72 -23.47 -15.40 8.78
N GLY A 73 -23.46 -15.27 10.11
CA GLY A 73 -22.44 -14.50 10.77
C GLY A 73 -21.11 -15.23 10.66
N ALA A 74 -21.16 -16.54 10.86
CA ALA A 74 -19.98 -17.37 10.78
C ALA A 74 -19.45 -17.36 9.36
N GLY A 75 -20.36 -17.42 8.39
CA GLY A 75 -20.00 -17.41 6.99
C GLY A 75 -19.34 -16.14 6.52
N LEU A 76 -19.97 -14.99 6.77
CA LEU A 76 -19.40 -13.71 6.35
C LEU A 76 -18.07 -13.45 7.05
N ALA A 77 -17.94 -13.89 8.29
CA ALA A 77 -16.70 -13.70 9.03
C ALA A 77 -15.62 -14.59 8.40
N LEU A 78 -15.99 -15.85 8.13
CA LEU A 78 -15.07 -16.80 7.53
C LEU A 78 -14.53 -16.20 6.23
N SER A 79 -15.44 -15.78 5.36
CA SER A 79 -15.06 -15.20 4.07
C SER A 79 -14.13 -14.03 4.22
N GLY A 80 -14.41 -13.17 5.20
CA GLY A 80 -13.58 -12.01 5.41
C GLY A 80 -12.15 -12.38 5.81
N VAL A 81 -12.03 -13.30 6.75
CA VAL A 81 -10.72 -13.70 7.23
C VAL A 81 -9.87 -14.43 6.19
N VAL A 82 -10.47 -15.26 5.34
CA VAL A 82 -9.69 -15.96 4.35
C VAL A 82 -9.24 -15.02 3.24
N LEU A 83 -10.09 -14.03 2.93
CA LEU A 83 -9.77 -13.05 1.89
C LEU A 83 -8.71 -12.10 2.38
N GLN A 84 -8.69 -11.86 3.68
CA GLN A 84 -7.70 -10.98 4.26
C GLN A 84 -6.34 -11.68 4.18
N GLY A 85 -6.36 -13.01 4.25
CA GLY A 85 -5.13 -13.79 4.15
C GLY A 85 -4.63 -13.81 2.70
N ILE A 86 -5.55 -13.93 1.75
CA ILE A 86 -5.19 -13.94 0.33
C ILE A 86 -4.53 -12.63 -0.07
N PHE A 87 -5.14 -11.52 0.32
CA PHE A 87 -4.62 -10.19 -0.02
C PHE A 87 -3.65 -9.58 0.98
N ARG A 88 -3.24 -10.35 1.98
CA ARG A 88 -2.29 -9.86 2.98
C ARG A 88 -2.64 -8.45 3.47
N ASN A 89 -3.91 -8.23 3.78
CA ASN A 89 -4.35 -6.93 4.25
C ASN A 89 -5.57 -7.06 5.17
N PRO A 90 -5.44 -6.59 6.41
CA PRO A 90 -6.56 -6.66 7.36
C PRO A 90 -7.76 -5.80 7.00
N LEU A 91 -7.58 -4.85 6.07
CA LEU A 91 -8.66 -3.96 5.66
C LEU A 91 -9.49 -4.50 4.50
N VAL A 92 -9.33 -5.78 4.20
CA VAL A 92 -10.09 -6.38 3.12
C VAL A 92 -11.36 -7.06 3.65
N ASN A 93 -12.42 -7.03 2.85
CA ASN A 93 -13.67 -7.66 3.23
C ASN A 93 -14.21 -8.51 2.08
N PRO A 94 -15.20 -9.37 2.36
CA PRO A 94 -15.78 -10.25 1.33
C PRO A 94 -16.51 -9.53 0.22
N HIS A 95 -16.17 -8.25 0.00
CA HIS A 95 -16.82 -7.46 -1.04
C HIS A 95 -15.87 -6.98 -2.13
N ILE A 96 -14.56 -7.09 -1.89
CA ILE A 96 -13.56 -6.65 -2.86
C ILE A 96 -13.47 -7.45 -4.16
N ILE A 97 -13.99 -8.67 -4.15
CA ILE A 97 -13.95 -9.51 -5.35
C ILE A 97 -15.18 -9.21 -6.22
N GLY A 98 -16.03 -8.32 -5.74
CA GLY A 98 -17.22 -7.93 -6.48
C GLY A 98 -18.36 -8.95 -6.49
N VAL A 99 -18.22 -10.04 -5.74
CA VAL A 99 -19.27 -11.05 -5.71
C VAL A 99 -20.56 -10.55 -5.04
N THR A 100 -20.44 -9.67 -4.05
CA THR A 100 -21.61 -9.15 -3.37
C THR A 100 -22.46 -8.28 -4.30
N SER A 101 -21.80 -7.51 -5.16
CA SER A 101 -22.51 -6.66 -6.10
C SER A 101 -23.13 -7.52 -7.19
N GLY A 102 -22.41 -8.55 -7.59
CA GLY A 102 -22.91 -9.44 -8.63
C GLY A 102 -24.17 -10.14 -8.13
N SER A 103 -24.12 -10.60 -6.89
CA SER A 103 -25.28 -11.27 -6.28
C SER A 103 -26.42 -10.27 -6.08
N ALA A 104 -26.07 -9.05 -5.71
CA ALA A 104 -27.08 -8.00 -5.48
C ALA A 104 -27.84 -7.77 -6.78
N PHE A 105 -27.10 -7.79 -7.89
CA PHE A 105 -27.70 -7.58 -9.19
C PHE A 105 -28.57 -8.75 -9.59
N GLY A 106 -28.08 -9.96 -9.32
CA GLY A 106 -28.83 -11.17 -9.66
C GLY A 106 -30.19 -11.16 -8.96
N GLY A 107 -30.18 -10.84 -7.67
CA GLY A 107 -31.43 -10.79 -6.92
C GLY A 107 -32.33 -9.68 -7.42
N THR A 108 -31.75 -8.50 -7.65
CA THR A 108 -32.50 -7.35 -8.14
C THR A 108 -33.18 -7.67 -9.46
N LEU A 109 -32.46 -8.31 -10.36
CA LEU A 109 -32.99 -8.68 -11.65
C LEU A 109 -34.17 -9.63 -11.46
N ALA A 110 -34.00 -10.62 -10.60
CA ALA A 110 -35.05 -11.58 -10.33
C ALA A 110 -36.30 -10.87 -9.80
N ILE A 111 -36.11 -9.90 -8.91
CA ILE A 111 -37.24 -9.15 -8.36
C ILE A 111 -37.91 -8.33 -9.46
N PHE A 112 -37.11 -7.72 -10.32
CA PHE A 112 -37.62 -6.89 -11.39
C PHE A 112 -38.54 -7.64 -12.37
N PHE A 113 -38.18 -8.87 -12.69
CA PHE A 113 -39.01 -9.67 -13.60
C PHE A 113 -40.02 -10.52 -12.86
N GLY A 114 -40.20 -10.23 -11.58
CA GLY A 114 -41.15 -10.97 -10.77
C GLY A 114 -40.92 -12.47 -10.76
N PHE A 115 -39.66 -12.88 -10.56
CA PHE A 115 -39.33 -14.30 -10.50
C PHE A 115 -39.85 -14.90 -9.20
N SER A 116 -39.70 -16.21 -9.07
CA SER A 116 -40.13 -16.90 -7.86
C SER A 116 -38.97 -16.92 -6.88
N LEU A 117 -39.24 -17.40 -5.67
CA LEU A 117 -38.21 -17.47 -4.64
C LEU A 117 -37.01 -18.27 -5.15
N TYR A 118 -37.29 -19.43 -5.75
CA TYR A 118 -36.23 -20.28 -6.29
C TYR A 118 -35.54 -19.61 -7.46
N GLY A 119 -36.26 -18.73 -8.14
CA GLY A 119 -35.69 -18.02 -9.26
C GLY A 119 -34.72 -16.96 -8.77
N LEU A 120 -35.01 -16.41 -7.60
CA LEU A 120 -34.17 -15.40 -6.99
C LEU A 120 -32.86 -16.06 -6.54
N PHE A 121 -32.98 -17.22 -5.90
CA PHE A 121 -31.82 -17.96 -5.44
C PHE A 121 -30.88 -18.24 -6.60
N THR A 122 -31.39 -18.88 -7.64
CA THR A 122 -30.58 -19.22 -8.79
C THR A 122 -29.97 -17.99 -9.44
N SER A 123 -30.78 -16.94 -9.59
CA SER A 123 -30.30 -15.70 -10.21
C SER A 123 -29.18 -15.08 -9.37
N THR A 124 -29.38 -15.05 -8.07
CA THR A 124 -28.41 -14.49 -7.14
C THR A 124 -27.09 -15.26 -7.20
N ILE A 125 -27.19 -16.58 -7.13
CA ILE A 125 -26.01 -17.43 -7.18
C ILE A 125 -25.39 -17.44 -8.57
N LEU A 126 -26.23 -17.44 -9.59
CA LEU A 126 -25.75 -17.46 -10.97
C LEU A 126 -24.83 -16.27 -11.24
N PHE A 127 -25.31 -15.05 -10.97
CA PHE A 127 -24.50 -13.87 -11.20
C PHE A 127 -23.40 -13.73 -10.15
N GLY A 128 -23.57 -14.43 -9.03
CA GLY A 128 -22.57 -14.39 -7.98
C GLY A 128 -21.36 -15.19 -8.44
N PHE A 129 -21.60 -16.40 -8.92
CA PHE A 129 -20.52 -17.25 -9.42
C PHE A 129 -20.02 -16.63 -10.72
N GLY A 130 -20.97 -16.14 -11.51
CA GLY A 130 -20.62 -15.53 -12.78
C GLY A 130 -19.58 -14.43 -12.59
N THR A 131 -19.73 -13.66 -11.51
CA THR A 131 -18.78 -12.59 -11.24
C THR A 131 -17.41 -13.17 -10.95
N LEU A 132 -17.36 -14.22 -10.12
CA LEU A 132 -16.10 -14.87 -9.79
C LEU A 132 -15.44 -15.32 -11.08
N ALA A 133 -16.23 -15.94 -11.94
CA ALA A 133 -15.74 -16.42 -13.22
C ALA A 133 -15.16 -15.25 -14.01
N LEU A 134 -15.86 -14.13 -14.04
CA LEU A 134 -15.37 -12.97 -14.77
C LEU A 134 -14.03 -12.51 -14.22
N VAL A 135 -13.95 -12.41 -12.89
CA VAL A 135 -12.72 -11.98 -12.24
C VAL A 135 -11.58 -12.91 -12.65
N PHE A 136 -11.89 -14.20 -12.72
CA PHE A 136 -10.92 -15.20 -13.10
C PHE A 136 -10.47 -14.99 -14.54
N LEU A 137 -11.42 -14.89 -15.45
CA LEU A 137 -11.13 -14.69 -16.87
C LEU A 137 -10.30 -13.43 -17.14
N PHE A 138 -10.71 -12.31 -16.58
CA PHE A 138 -9.99 -11.07 -16.77
C PHE A 138 -8.62 -11.13 -16.09
N SER A 139 -8.50 -12.03 -15.12
CA SER A 139 -7.25 -12.23 -14.39
C SER A 139 -6.23 -12.83 -15.35
N PHE A 140 -6.72 -13.64 -16.28
CA PHE A 140 -5.88 -14.30 -17.27
C PHE A 140 -6.14 -13.70 -18.64
N LYS A 141 -6.00 -12.38 -18.75
CA LYS A 141 -6.22 -11.67 -20.00
C LYS A 141 -6.09 -10.16 -19.79
N SER A 146 -1.50 -10.52 -10.56
CA SER A 146 -1.16 -9.97 -9.26
C SER A 146 -2.40 -9.68 -8.41
N LEU A 147 -2.19 -9.58 -7.10
CA LEU A 147 -3.26 -9.30 -6.17
C LEU A 147 -3.98 -8.00 -6.45
N LEU A 148 -3.21 -6.92 -6.59
CA LEU A 148 -3.75 -5.60 -6.86
C LEU A 148 -4.67 -5.65 -8.09
N MET A 149 -4.27 -6.42 -9.09
CA MET A 149 -5.06 -6.55 -10.30
C MET A 149 -6.45 -7.13 -10.04
N LEU A 150 -6.53 -8.13 -9.17
CA LEU A 150 -7.82 -8.75 -8.84
C LEU A 150 -8.73 -7.73 -8.17
N ILE A 151 -8.13 -6.89 -7.32
CA ILE A 151 -8.87 -5.85 -6.62
C ILE A 151 -9.41 -4.83 -7.62
N LEU A 152 -8.61 -4.51 -8.63
CA LEU A 152 -9.03 -3.56 -9.62
C LEU A 152 -10.13 -4.14 -10.51
N ILE A 153 -9.97 -5.40 -10.91
CA ILE A 153 -10.96 -6.06 -11.74
C ILE A 153 -12.30 -6.14 -11.01
N GLY A 154 -12.26 -6.58 -9.75
CA GLY A 154 -13.48 -6.69 -8.97
C GLY A 154 -14.13 -5.34 -8.74
N MET A 155 -13.30 -4.30 -8.69
CA MET A 155 -13.77 -2.94 -8.47
C MET A 155 -14.56 -2.50 -9.70
N ILE A 156 -14.06 -2.87 -10.88
CA ILE A 156 -14.72 -2.53 -12.13
C ILE A 156 -16.09 -3.22 -12.20
N LEU A 157 -16.13 -4.51 -11.88
CA LEU A 157 -17.36 -5.27 -11.90
C LEU A 157 -18.40 -4.73 -10.92
N SER A 158 -17.96 -4.36 -9.71
CA SER A 158 -18.87 -3.79 -8.72
C SER A 158 -19.50 -2.53 -9.26
N GLY A 159 -18.71 -1.70 -9.92
CA GLY A 159 -19.23 -0.48 -10.50
C GLY A 159 -20.30 -0.81 -11.53
N LEU A 160 -20.01 -1.76 -12.40
CA LEU A 160 -20.93 -2.17 -13.45
C LEU A 160 -22.23 -2.72 -12.87
N PHE A 161 -22.12 -3.62 -11.91
CA PHE A 161 -23.29 -4.22 -11.30
C PHE A 161 -24.16 -3.28 -10.48
N SER A 162 -23.54 -2.33 -9.77
CA SER A 162 -24.31 -1.40 -8.97
C SER A 162 -24.96 -0.35 -9.86
N ALA A 163 -24.47 -0.22 -11.09
CA ALA A 163 -25.02 0.74 -12.03
C ALA A 163 -26.24 0.09 -12.69
N LEU A 164 -26.15 -1.22 -12.91
CA LEU A 164 -27.24 -1.95 -13.52
C LEU A 164 -28.37 -2.04 -12.51
N VAL A 165 -28.02 -2.20 -11.24
CA VAL A 165 -29.00 -2.27 -10.17
C VAL A 165 -29.75 -0.95 -10.13
N SER A 166 -29.02 0.15 -10.26
CA SER A 166 -29.61 1.48 -10.27
C SER A 166 -30.48 1.67 -11.49
N LEU A 167 -30.05 1.10 -12.61
CA LEU A 167 -30.81 1.22 -13.85
C LEU A 167 -32.17 0.54 -13.68
N LEU A 168 -32.14 -0.70 -13.20
CA LEU A 168 -33.36 -1.47 -13.00
C LEU A 168 -34.35 -0.77 -12.07
N GLN A 169 -33.89 -0.30 -10.93
CA GLN A 169 -34.80 0.35 -10.02
C GLN A 169 -35.31 1.68 -10.59
N TYR A 170 -34.55 2.27 -11.51
CA TYR A 170 -34.97 3.53 -12.11
C TYR A 170 -36.09 3.29 -13.14
N ILE A 171 -36.01 2.19 -13.87
CA ILE A 171 -37.00 1.87 -14.88
C ILE A 171 -38.11 0.96 -14.33
N SER A 172 -38.13 0.78 -13.02
CA SER A 172 -39.13 -0.09 -12.41
C SER A 172 -40.28 0.70 -11.79
N ASP A 173 -41.44 0.05 -11.70
CA ASP A 173 -42.63 0.64 -11.13
C ASP A 173 -42.38 1.07 -9.69
N THR A 174 -42.54 2.36 -9.42
CA THR A 174 -42.31 2.89 -8.08
C THR A 174 -43.37 2.50 -7.04
N GLU A 175 -44.45 1.88 -7.48
CA GLU A 175 -45.54 1.47 -6.59
C GLU A 175 -45.24 0.21 -5.79
N GLU A 176 -44.84 -0.85 -6.47
CA GLU A 176 -44.54 -2.11 -5.80
C GLU A 176 -43.12 -2.63 -6.09
N LYS A 177 -42.74 -2.57 -7.35
CA LYS A 177 -41.43 -3.03 -7.81
C LYS A 177 -40.26 -2.39 -7.07
N LEU A 178 -40.20 -1.06 -7.10
CA LEU A 178 -39.12 -0.31 -6.47
C LEU A 178 -38.87 -0.60 -4.99
N PRO A 179 -39.90 -0.48 -4.14
CA PRO A 179 -39.73 -0.75 -2.71
C PRO A 179 -39.18 -2.15 -2.41
N SER A 180 -39.54 -3.11 -3.26
CA SER A 180 -39.08 -4.49 -3.08
C SER A 180 -37.59 -4.56 -3.35
N ILE A 181 -37.15 -3.93 -4.43
CA ILE A 181 -35.74 -3.91 -4.79
C ILE A 181 -34.95 -3.22 -3.68
N VAL A 182 -35.40 -2.01 -3.33
CA VAL A 182 -34.73 -1.22 -2.30
C VAL A 182 -34.56 -1.92 -0.95
N PHE A 183 -35.60 -2.55 -0.44
CA PHE A 183 -35.50 -3.20 0.86
C PHE A 183 -34.76 -4.52 0.83
N TRP A 184 -34.82 -5.23 -0.29
CA TRP A 184 -34.10 -6.49 -0.37
C TRP A 184 -32.59 -6.22 -0.33
N LEU A 185 -32.17 -5.09 -0.90
CA LEU A 185 -30.76 -4.73 -0.94
C LEU A 185 -30.25 -4.42 0.47
N MET A 186 -31.16 -4.30 1.41
CA MET A 186 -30.76 -4.00 2.77
C MET A 186 -30.50 -5.26 3.59
N GLY A 187 -31.09 -6.38 3.17
CA GLY A 187 -30.86 -7.62 3.87
C GLY A 187 -31.28 -7.63 5.33
N SER A 188 -31.92 -8.74 5.72
CA SER A 188 -32.38 -8.93 7.09
C SER A 188 -32.72 -10.40 7.24
N PHE A 189 -33.03 -10.78 8.47
CA PHE A 189 -33.38 -12.17 8.77
C PHE A 189 -34.86 -12.26 9.15
N ALA A 190 -35.60 -11.18 8.91
CA ALA A 190 -37.02 -11.10 9.24
C ALA A 190 -37.87 -12.15 8.52
N THR A 191 -37.48 -12.50 7.30
CA THR A 191 -38.24 -13.51 6.57
C THR A 191 -37.48 -14.82 6.48
N SER A 192 -36.74 -15.15 7.54
CA SER A 192 -35.98 -16.39 7.55
C SER A 192 -36.84 -17.57 7.98
N ASN A 193 -36.69 -18.70 7.28
CA ASN A 193 -37.46 -19.91 7.57
C ASN A 193 -36.61 -21.16 7.35
N TRP A 194 -37.15 -22.33 7.72
CA TRP A 194 -36.41 -23.59 7.56
C TRP A 194 -36.01 -23.92 6.13
N GLU A 195 -36.79 -23.45 5.17
CA GLU A 195 -36.47 -23.73 3.77
C GLU A 195 -35.18 -23.00 3.35
N LYS A 196 -35.03 -21.75 3.77
CA LYS A 196 -33.85 -20.96 3.45
C LYS A 196 -32.62 -21.43 4.22
N LEU A 197 -32.81 -21.68 5.51
CA LEU A 197 -31.70 -22.14 6.36
C LEU A 197 -31.06 -23.39 5.78
N LEU A 198 -31.88 -24.36 5.39
CA LEU A 198 -31.35 -25.60 4.84
C LEU A 198 -30.72 -25.41 3.46
N PHE A 199 -31.23 -24.43 2.71
CA PHE A 199 -30.68 -24.16 1.39
C PHE A 199 -29.24 -23.65 1.53
N PHE A 200 -29.07 -22.69 2.43
CA PHE A 200 -27.77 -22.08 2.69
C PHE A 200 -26.84 -23.00 3.48
N PHE A 201 -27.40 -23.74 4.43
CA PHE A 201 -26.64 -24.64 5.26
C PHE A 201 -25.79 -25.65 4.50
N VAL A 202 -26.31 -26.17 3.40
CA VAL A 202 -25.53 -27.14 2.62
C VAL A 202 -24.23 -26.52 2.10
N PRO A 203 -24.31 -25.39 1.37
CA PRO A 203 -23.09 -24.76 0.85
C PRO A 203 -22.21 -24.31 2.01
N PHE A 204 -22.86 -23.78 3.04
CA PHE A 204 -22.16 -23.29 4.23
C PHE A 204 -21.29 -24.37 4.84
N LEU A 205 -21.88 -25.53 5.12
CA LEU A 205 -21.15 -26.64 5.72
C LEU A 205 -20.05 -27.16 4.79
N LEU A 206 -20.34 -27.17 3.50
CA LEU A 206 -19.39 -27.64 2.50
C LEU A 206 -18.17 -26.74 2.48
N CYS A 207 -18.39 -25.48 2.13
CA CYS A 207 -17.33 -24.47 2.05
C CYS A 207 -16.51 -24.33 3.32
N SER A 208 -17.19 -24.20 4.45
CA SER A 208 -16.53 -24.05 5.73
C SER A 208 -15.64 -25.24 6.08
N SER A 209 -16.05 -26.42 5.62
CA SER A 209 -15.28 -27.64 5.88
C SER A 209 -13.99 -27.65 5.09
N ILE A 210 -14.07 -27.38 3.79
CA ILE A 210 -12.88 -27.36 2.96
C ILE A 210 -11.95 -26.27 3.50
N LEU A 211 -12.48 -25.05 3.68
CA LEU A 211 -11.68 -23.94 4.19
C LEU A 211 -11.02 -24.29 5.51
N LEU A 212 -11.74 -24.99 6.38
CA LEU A 212 -11.18 -25.38 7.67
C LEU A 212 -10.08 -26.44 7.50
N SER A 213 -10.21 -27.27 6.47
CA SER A 213 -9.22 -28.31 6.24
C SER A 213 -7.94 -27.70 5.66
N LEU A 214 -8.09 -26.53 5.04
CA LEU A 214 -6.99 -25.78 4.44
C LEU A 214 -6.56 -24.74 5.47
N SER A 215 -7.01 -24.94 6.70
CA SER A 215 -6.72 -24.03 7.79
C SER A 215 -5.24 -23.62 7.88
N TRP A 216 -4.36 -24.61 7.91
CA TRP A 216 -2.93 -24.32 8.01
C TRP A 216 -2.34 -23.79 6.72
N ARG A 217 -2.69 -24.39 5.59
CA ARG A 217 -2.15 -23.93 4.31
C ARG A 217 -2.40 -22.45 4.05
N LEU A 218 -3.46 -21.90 4.61
CA LEU A 218 -3.75 -20.47 4.38
C LEU A 218 -2.61 -19.59 4.87
N ASN A 219 -1.82 -20.09 5.83
CA ASN A 219 -0.68 -19.33 6.33
C ASN A 219 0.34 -19.10 5.22
N LEU A 220 0.35 -20.01 4.24
CA LEU A 220 1.29 -19.95 3.12
C LEU A 220 0.92 -18.89 2.09
N LEU A 221 -0.26 -18.30 2.24
CA LEU A 221 -0.75 -17.24 1.35
C LEU A 221 0.08 -15.97 1.56
N SER A 222 0.73 -15.89 2.71
CA SER A 222 1.57 -14.74 3.05
C SER A 222 2.97 -14.84 2.44
N LEU A 223 3.30 -16.01 1.90
CA LEU A 223 4.61 -16.24 1.29
C LEU A 223 4.80 -15.44 0.00
N ASP A 224 6.05 -15.12 -0.32
CA ASP A 224 6.33 -14.39 -1.55
C ASP A 224 6.59 -15.45 -2.63
N GLU A 225 6.47 -15.04 -3.88
CA GLU A 225 6.64 -15.93 -5.03
C GLU A 225 7.77 -16.95 -4.93
N LYS A 226 9.00 -16.48 -4.78
CA LYS A 226 10.14 -17.38 -4.70
C LYS A 226 10.07 -18.44 -3.62
N GLU A 227 9.77 -18.02 -2.39
CA GLU A 227 9.68 -18.97 -1.28
C GLU A 227 8.54 -19.97 -1.51
N ALA A 228 7.44 -19.47 -2.08
CA ALA A 228 6.29 -20.30 -2.34
C ALA A 228 6.64 -21.42 -3.32
N LYS A 229 7.36 -21.08 -4.37
CA LYS A 229 7.75 -22.07 -5.36
C LYS A 229 8.71 -23.09 -4.74
N ALA A 230 9.65 -22.59 -3.93
CA ALA A 230 10.62 -23.46 -3.28
C ALA A 230 9.92 -24.41 -2.31
N LEU A 231 8.90 -23.91 -1.62
CA LEU A 231 8.16 -24.72 -0.68
C LEU A 231 7.09 -25.59 -1.31
N GLY A 232 7.07 -25.62 -2.64
CA GLY A 232 6.09 -26.45 -3.34
C GLY A 232 4.65 -26.01 -3.21
N VAL A 233 4.45 -24.77 -2.80
CA VAL A 233 3.10 -24.23 -2.65
C VAL A 233 2.60 -23.77 -4.02
N LYS A 234 1.40 -24.21 -4.38
CA LYS A 234 0.80 -23.84 -5.66
C LYS A 234 -0.15 -22.66 -5.42
N MET A 235 0.45 -21.48 -5.35
CA MET A 235 -0.26 -20.23 -5.08
C MET A 235 -1.53 -20.01 -5.90
N ALA A 236 -1.41 -19.99 -7.22
CA ALA A 236 -2.55 -19.76 -8.09
C ALA A 236 -3.75 -20.65 -7.78
N PRO A 237 -3.58 -21.98 -7.83
CA PRO A 237 -4.69 -22.90 -7.55
C PRO A 237 -5.26 -22.68 -6.15
N LEU A 238 -4.38 -22.52 -5.17
CA LEU A 238 -4.80 -22.31 -3.79
C LEU A 238 -5.62 -21.01 -3.61
N ARG A 239 -5.15 -19.91 -4.20
CA ARG A 239 -5.86 -18.64 -4.08
C ARG A 239 -7.26 -18.75 -4.66
N TRP A 240 -7.36 -19.33 -5.85
CA TRP A 240 -8.65 -19.48 -6.51
C TRP A 240 -9.59 -20.41 -5.76
N LEU A 241 -9.07 -21.49 -5.19
CA LEU A 241 -9.90 -22.42 -4.44
C LEU A 241 -10.51 -21.65 -3.27
N VAL A 242 -9.72 -20.80 -2.65
CA VAL A 242 -10.20 -20.00 -1.52
C VAL A 242 -11.14 -18.89 -1.98
N ILE A 243 -10.81 -18.23 -3.08
CA ILE A 243 -11.66 -17.16 -3.61
C ILE A 243 -13.05 -17.72 -3.95
N PHE A 244 -13.09 -18.88 -4.57
CA PHE A 244 -14.34 -19.53 -4.96
C PHE A 244 -15.19 -19.91 -3.76
N LEU A 245 -14.58 -20.59 -2.79
CA LEU A 245 -15.29 -21.01 -1.60
C LEU A 245 -15.76 -19.80 -0.80
N SER A 246 -14.91 -18.76 -0.78
CA SER A 246 -15.19 -17.53 -0.07
C SER A 246 -16.37 -16.82 -0.75
N GLY A 247 -16.33 -16.78 -2.08
CA GLY A 247 -17.38 -16.14 -2.86
C GLY A 247 -18.67 -16.94 -2.87
N SER A 248 -18.56 -18.26 -2.80
CA SER A 248 -19.72 -19.13 -2.79
C SER A 248 -20.53 -18.89 -1.51
N LEU A 249 -19.83 -18.76 -0.39
CA LEU A 249 -20.51 -18.50 0.88
C LEU A 249 -21.34 -17.23 0.78
N VAL A 250 -20.70 -16.15 0.33
CA VAL A 250 -21.36 -14.86 0.20
C VAL A 250 -22.53 -14.85 -0.79
N ALA A 251 -22.35 -15.49 -1.94
CA ALA A 251 -23.41 -15.54 -2.94
C ALA A 251 -24.65 -16.22 -2.35
N CYS A 252 -24.44 -17.36 -1.70
CA CYS A 252 -25.52 -18.11 -1.08
C CYS A 252 -26.10 -17.35 0.10
N GLN A 253 -25.26 -16.57 0.78
CA GLN A 253 -25.73 -15.79 1.91
C GLN A 253 -26.65 -14.66 1.43
N VAL A 254 -26.25 -13.99 0.36
CA VAL A 254 -27.04 -12.89 -0.18
C VAL A 254 -28.37 -13.43 -0.72
N ALA A 255 -28.32 -14.62 -1.29
CA ALA A 255 -29.50 -15.26 -1.84
C ALA A 255 -30.63 -15.43 -0.81
N ILE A 256 -30.28 -15.73 0.45
CA ILE A 256 -31.30 -15.92 1.48
C ILE A 256 -31.43 -14.80 2.51
N SER A 257 -30.59 -13.78 2.46
CA SER A 257 -30.70 -12.70 3.43
C SER A 257 -30.32 -11.31 2.94
N GLY A 258 -30.08 -11.17 1.64
CA GLY A 258 -29.73 -9.87 1.10
C GLY A 258 -28.30 -9.41 1.40
N SER A 259 -28.04 -8.12 1.22
CA SER A 259 -26.72 -7.52 1.43
C SER A 259 -26.44 -7.12 2.88
N ILE A 260 -25.48 -7.81 3.50
CA ILE A 260 -25.08 -7.52 4.87
C ILE A 260 -23.60 -7.15 4.85
N GLY A 261 -23.26 -6.02 5.47
CA GLY A 261 -21.86 -5.59 5.50
C GLY A 261 -21.33 -5.31 6.89
N TRP A 262 -20.12 -4.75 6.93
CA TRP A 262 -19.46 -4.41 8.19
C TRP A 262 -19.31 -5.57 9.15
N VAL A 263 -19.11 -6.77 8.61
CA VAL A 263 -18.94 -7.95 9.45
C VAL A 263 -17.57 -8.57 9.23
N GLY A 264 -17.32 -9.01 7.99
CA GLY A 264 -16.06 -9.64 7.65
C GLY A 264 -14.86 -8.75 7.92
N LEU A 265 -15.11 -7.45 8.06
CA LEU A 265 -14.02 -6.52 8.33
C LEU A 265 -13.54 -6.59 9.78
N ILE A 266 -14.45 -6.38 10.72
CA ILE A 266 -14.09 -6.36 12.14
C ILE A 266 -14.00 -7.67 12.91
N ILE A 267 -14.72 -8.70 12.48
CA ILE A 267 -14.68 -9.96 13.21
C ILE A 267 -13.31 -10.63 13.19
N PRO A 268 -12.70 -10.80 12.02
CA PRO A 268 -11.38 -11.45 12.04
C PRO A 268 -10.38 -10.69 12.92
N HIS A 269 -10.51 -9.37 12.98
CA HIS A 269 -9.61 -8.59 13.82
C HIS A 269 -9.79 -8.98 15.29
N LEU A 270 -11.03 -8.96 15.77
CA LEU A 270 -11.31 -9.34 17.15
C LEU A 270 -10.78 -10.74 17.41
N SER A 271 -10.92 -11.62 16.42
CA SER A 271 -10.45 -12.98 16.56
C SER A 271 -8.95 -13.05 16.71
N ARG A 272 -8.23 -12.25 15.92
CA ARG A 272 -6.77 -12.26 16.02
C ARG A 272 -6.35 -11.70 17.37
N MET A 273 -7.23 -10.91 17.99
CA MET A 273 -6.93 -10.38 19.31
C MET A 273 -7.05 -11.50 20.33
N LEU A 274 -7.86 -12.50 20.01
CA LEU A 274 -8.08 -13.62 20.91
C LEU A 274 -7.15 -14.81 20.74
N VAL A 275 -6.99 -15.30 19.52
CA VAL A 275 -6.17 -16.48 19.29
C VAL A 275 -4.90 -16.29 18.43
N GLY A 276 -4.62 -15.07 18.00
CA GLY A 276 -3.43 -14.86 17.19
C GLY A 276 -3.61 -14.96 15.69
N ALA A 277 -2.50 -14.91 14.96
CA ALA A 277 -2.50 -14.95 13.49
C ALA A 277 -2.53 -16.31 12.82
N ASN A 278 -2.04 -17.36 13.47
CA ASN A 278 -2.05 -18.68 12.85
C ASN A 278 -3.48 -19.03 12.43
N HIS A 279 -3.69 -19.17 11.13
CA HIS A 279 -5.02 -19.47 10.59
C HIS A 279 -5.62 -20.77 11.11
N GLN A 280 -4.77 -21.74 11.42
CA GLN A 280 -5.25 -23.03 11.91
C GLN A 280 -6.14 -22.84 13.14
N SER A 281 -5.91 -21.76 13.88
CA SER A 281 -6.70 -21.47 15.07
C SER A 281 -7.63 -20.28 14.83
N LEU A 282 -7.27 -19.44 13.87
CA LEU A 282 -8.03 -18.25 13.54
C LEU A 282 -9.40 -18.52 12.90
N LEU A 283 -9.44 -19.40 11.90
CA LEU A 283 -10.70 -19.69 11.22
C LEU A 283 -11.80 -20.14 12.18
N PRO A 284 -11.54 -21.19 12.98
CA PRO A 284 -12.58 -21.64 13.91
C PRO A 284 -13.01 -20.55 14.89
N CYS A 285 -12.05 -19.76 15.34
CA CYS A 285 -12.35 -18.67 16.27
C CYS A 285 -13.16 -17.56 15.63
N THR A 286 -12.86 -17.21 14.38
CA THR A 286 -13.60 -16.14 13.72
C THR A 286 -15.02 -16.61 13.39
N MET A 287 -15.17 -17.90 13.09
CA MET A 287 -16.49 -18.46 12.80
C MET A 287 -17.38 -18.34 14.03
N LEU A 288 -16.83 -18.70 15.18
CA LEU A 288 -17.57 -18.65 16.44
C LEU A 288 -17.88 -17.22 16.89
N VAL A 289 -16.92 -16.31 16.74
CA VAL A 289 -17.15 -14.93 17.15
C VAL A 289 -18.12 -14.26 16.17
N GLY A 290 -18.04 -14.67 14.91
CA GLY A 290 -18.92 -14.10 13.90
C GLY A 290 -20.36 -14.52 14.11
N ALA A 291 -20.55 -15.81 14.42
CA ALA A 291 -21.87 -16.36 14.65
C ALA A 291 -22.56 -15.62 15.79
N THR A 292 -21.91 -15.59 16.94
CA THR A 292 -22.47 -14.93 18.11
C THR A 292 -22.74 -13.45 17.85
N TYR A 293 -21.78 -12.78 17.23
CA TYR A 293 -21.91 -11.36 16.93
C TYR A 293 -23.13 -11.06 16.04
N MET A 294 -23.35 -11.88 15.02
CA MET A 294 -24.49 -11.63 14.15
C MET A 294 -25.80 -11.83 14.92
N LEU A 295 -25.88 -12.92 15.67
CA LEU A 295 -27.06 -13.23 16.46
C LEU A 295 -27.36 -12.07 17.41
N LEU A 296 -26.33 -11.56 18.09
CA LEU A 296 -26.53 -10.43 19.00
C LEU A 296 -27.13 -9.25 18.26
N VAL A 297 -26.57 -8.94 17.09
CA VAL A 297 -27.06 -7.82 16.31
C VAL A 297 -28.47 -8.06 15.78
N ASP A 298 -28.75 -9.28 15.35
CA ASP A 298 -30.07 -9.60 14.81
C ASP A 298 -31.20 -9.52 15.83
N ASN A 299 -30.97 -10.01 17.05
CA ASN A 299 -32.03 -9.95 18.04
C ASN A 299 -32.05 -8.56 18.70
N VAL A 300 -31.30 -7.63 18.11
CA VAL A 300 -31.28 -6.25 18.57
C VAL A 300 -32.17 -5.54 17.57
N ALA A 301 -32.15 -6.03 16.34
CA ALA A 301 -32.97 -5.46 15.28
C ALA A 301 -34.43 -5.70 15.63
N ARG A 302 -34.67 -6.71 16.45
CA ARG A 302 -36.02 -7.05 16.89
C ARG A 302 -36.35 -6.25 18.15
N SER A 303 -35.49 -6.37 19.15
CA SER A 303 -35.68 -5.66 20.42
C SER A 303 -35.83 -4.15 20.19
N LEU A 304 -34.78 -3.56 19.59
CA LEU A 304 -34.71 -2.13 19.31
C LEU A 304 -36.06 -1.45 19.08
N SER A 305 -36.87 -1.98 18.16
CA SER A 305 -38.16 -1.37 17.87
C SER A 305 -39.28 -2.38 17.68
N ASP A 306 -40.49 -1.88 17.47
CA ASP A 306 -41.66 -2.73 17.24
C ASP A 306 -41.57 -3.23 15.80
N ALA A 307 -41.05 -2.36 14.93
CA ALA A 307 -40.87 -2.69 13.52
C ALA A 307 -39.50 -3.32 13.30
N GLU A 308 -39.39 -4.13 12.26
CA GLU A 308 -38.14 -4.80 11.92
C GLU A 308 -37.22 -3.88 11.14
N ILE A 309 -36.15 -3.41 11.78
CA ILE A 309 -35.18 -2.57 11.09
C ILE A 309 -34.18 -3.51 10.42
N PRO A 310 -33.99 -3.37 9.10
CA PRO A 310 -33.05 -4.27 8.41
C PRO A 310 -31.70 -4.34 9.14
N ILE A 311 -31.20 -5.56 9.33
CA ILE A 311 -29.96 -5.79 10.05
C ILE A 311 -28.75 -5.09 9.42
N SER A 312 -28.83 -4.74 8.15
CA SER A 312 -27.72 -4.07 7.48
C SER A 312 -27.50 -2.69 8.08
N ILE A 313 -28.59 -2.03 8.47
CA ILE A 313 -28.49 -0.72 9.08
C ILE A 313 -27.76 -0.85 10.41
N LEU A 314 -28.09 -1.88 11.17
CA LEU A 314 -27.47 -2.11 12.48
C LEU A 314 -26.01 -2.56 12.46
N THR A 315 -25.63 -3.38 11.48
CA THR A 315 -24.23 -3.81 11.41
C THR A 315 -23.34 -2.59 11.12
N ALA A 316 -23.88 -1.64 10.36
CA ALA A 316 -23.14 -0.43 10.01
C ALA A 316 -23.06 0.56 11.18
N LEU A 317 -24.16 0.72 11.90
CA LEU A 317 -24.19 1.65 13.03
C LEU A 317 -23.39 1.12 14.20
N ILE A 318 -23.29 -0.21 14.30
CA ILE A 318 -22.52 -0.82 15.38
C ILE A 318 -21.09 -1.04 14.91
N GLY A 319 -20.97 -1.62 13.72
CA GLY A 319 -19.68 -1.90 13.15
C GLY A 319 -18.74 -0.72 13.01
N ALA A 320 -19.14 0.27 12.21
CA ALA A 320 -18.30 1.45 11.98
C ALA A 320 -17.65 1.98 13.26
N PRO A 321 -18.46 2.41 14.25
CA PRO A 321 -17.85 2.92 15.48
C PRO A 321 -16.96 1.89 16.18
N LEU A 322 -17.36 0.63 16.14
CA LEU A 322 -16.58 -0.43 16.77
C LEU A 322 -15.25 -0.55 16.04
N PHE A 323 -15.28 -0.36 14.72
CA PHE A 323 -14.10 -0.42 13.89
C PHE A 323 -13.14 0.67 14.35
N GLY A 324 -13.69 1.86 14.57
CA GLY A 324 -12.87 2.97 15.03
C GLY A 324 -12.20 2.64 16.34
N VAL A 325 -12.99 2.13 17.28
CA VAL A 325 -12.49 1.76 18.59
C VAL A 325 -11.37 0.74 18.49
N LEU A 326 -11.54 -0.24 17.60
CA LEU A 326 -10.53 -1.27 17.43
C LEU A 326 -9.25 -0.69 16.82
N VAL A 327 -9.41 0.28 15.93
CA VAL A 327 -8.26 0.93 15.30
C VAL A 327 -7.60 1.89 16.29
N TYR A 328 -8.43 2.61 17.04
CA TYR A 328 -7.95 3.55 18.05
C TYR A 328 -6.90 2.90 18.93
N LYS A 329 -7.17 1.67 19.35
CA LYS A 329 -6.24 0.92 20.21
C LYS A 329 -5.18 0.20 19.39
N LEU A 330 -4.25 0.96 18.83
CA LEU A 330 -3.17 0.38 18.03
C LEU A 330 -2.14 -0.27 18.94
N ASN B 2 29.36 -35.38 -5.64
CA ASN B 2 28.48 -35.47 -6.83
C ASN B 2 27.85 -34.10 -7.11
N LYS B 3 27.30 -33.93 -8.31
CA LYS B 3 26.66 -32.68 -8.71
C LYS B 3 25.51 -32.26 -7.80
N ALA B 4 25.32 -30.95 -7.68
CA ALA B 4 24.26 -30.39 -6.86
C ALA B 4 23.39 -29.53 -7.77
N LEU B 5 24.05 -28.84 -8.69
CA LEU B 5 23.35 -27.98 -9.63
C LEU B 5 24.16 -27.81 -10.91
N SER B 6 23.43 -27.65 -12.02
CA SER B 6 24.06 -27.45 -13.31
C SER B 6 23.30 -26.41 -14.13
N VAL B 7 24.05 -25.48 -14.70
CA VAL B 7 23.49 -24.42 -15.52
C VAL B 7 24.24 -24.44 -16.83
N GLU B 8 23.54 -24.75 -17.91
CA GLU B 8 24.17 -24.86 -19.22
C GLU B 8 23.59 -23.96 -20.30
N ASN B 9 24.45 -23.17 -20.92
CA ASN B 9 24.05 -22.30 -22.02
C ASN B 9 22.83 -21.43 -21.67
N LEU B 10 22.73 -21.04 -20.41
CA LEU B 10 21.61 -20.23 -19.95
C LEU B 10 21.62 -18.82 -20.51
N GLY B 11 20.45 -18.39 -20.99
CA GLY B 11 20.27 -17.06 -21.53
C GLY B 11 18.97 -16.52 -20.97
N PHE B 12 18.95 -15.27 -20.54
CA PHE B 12 17.74 -14.69 -19.96
C PHE B 12 17.73 -13.17 -19.99
N TYR B 13 16.53 -12.61 -19.96
CA TYR B 13 16.38 -11.16 -20.01
C TYR B 13 16.05 -10.60 -18.64
N TYR B 14 16.56 -9.40 -18.38
CA TYR B 14 16.31 -8.70 -17.13
C TYR B 14 15.70 -7.37 -17.54
N GLN B 15 14.37 -7.28 -17.39
CA GLN B 15 13.64 -6.06 -17.75
C GLN B 15 14.24 -4.79 -17.20
N ALA B 16 14.27 -4.69 -15.88
CA ALA B 16 14.79 -3.52 -15.18
C ALA B 16 15.91 -2.79 -15.93
N GLU B 17 17.01 -3.48 -16.19
CA GLU B 17 18.14 -2.85 -16.88
C GLU B 17 18.19 -3.15 -18.37
N ASN B 18 17.12 -3.77 -18.87
CA ASN B 18 16.99 -4.10 -20.27
C ASN B 18 18.24 -4.72 -20.90
N PHE B 19 18.79 -5.75 -20.28
CA PHE B 19 19.95 -6.41 -20.85
C PHE B 19 19.80 -7.93 -20.90
N LEU B 20 20.32 -8.53 -21.98
CA LEU B 20 20.21 -9.97 -22.20
C LEU B 20 21.51 -10.72 -21.91
N PHE B 21 21.45 -11.64 -20.95
CA PHE B 21 22.61 -12.46 -20.59
C PHE B 21 22.62 -13.68 -21.51
N GLN B 22 23.79 -14.07 -22.01
CA GLN B 22 23.88 -15.22 -22.89
C GLN B 22 24.94 -16.24 -22.54
N GLN B 23 24.67 -17.49 -22.92
CA GLN B 23 25.58 -18.62 -22.72
C GLN B 23 26.22 -18.71 -21.34
N LEU B 24 25.40 -18.60 -20.30
CA LEU B 24 25.89 -18.68 -18.94
C LEU B 24 26.06 -20.15 -18.60
N ASN B 25 27.23 -20.51 -18.09
CA ASN B 25 27.50 -21.89 -17.71
C ASN B 25 28.18 -21.96 -16.34
N PHE B 26 27.87 -23.02 -15.61
CA PHE B 26 28.48 -23.30 -14.32
C PHE B 26 27.77 -24.44 -13.65
N ASP B 27 28.52 -25.19 -12.84
CA ASP B 27 27.98 -26.32 -12.11
C ASP B 27 28.48 -26.25 -10.67
N LEU B 28 27.71 -26.82 -9.76
CA LEU B 28 28.09 -26.84 -8.36
C LEU B 28 27.96 -28.25 -7.81
N ASN B 29 28.87 -28.60 -6.90
CA ASN B 29 28.84 -29.91 -6.28
C ASN B 29 28.39 -29.74 -4.85
N LYS B 30 28.08 -30.85 -4.19
CA LYS B 30 27.65 -30.80 -2.81
C LYS B 30 28.77 -30.21 -1.97
N GLY B 31 28.41 -29.37 -1.01
CA GLY B 31 29.43 -28.77 -0.15
C GLY B 31 30.01 -27.46 -0.66
N ASP B 32 29.73 -27.10 -1.90
CA ASP B 32 30.24 -25.85 -2.48
C ASP B 32 29.49 -24.63 -1.91
N ILE B 33 30.16 -23.49 -1.91
CA ILE B 33 29.54 -22.24 -1.48
C ILE B 33 29.84 -21.31 -2.63
N LEU B 34 28.78 -20.94 -3.35
CA LEU B 34 28.91 -20.04 -4.49
C LEU B 34 28.40 -18.65 -4.14
N ALA B 35 29.19 -17.63 -4.43
CA ALA B 35 28.79 -16.27 -4.18
C ALA B 35 28.48 -15.64 -5.52
N VAL B 36 27.30 -15.01 -5.62
CA VAL B 36 26.93 -14.31 -6.84
C VAL B 36 27.17 -12.86 -6.50
N LEU B 37 28.32 -12.33 -6.94
CA LEU B 37 28.71 -10.96 -6.67
C LEU B 37 28.31 -9.98 -7.78
N GLY B 38 27.50 -9.00 -7.40
CA GLY B 38 27.04 -7.98 -8.34
C GLY B 38 26.51 -6.80 -7.55
N GLN B 39 26.16 -5.73 -8.23
CA GLN B 39 25.63 -4.55 -7.55
C GLN B 39 24.13 -4.37 -7.81
N ASN B 40 23.46 -3.67 -6.90
CA ASN B 40 22.03 -3.39 -6.99
C ASN B 40 21.41 -3.62 -8.36
N GLY B 41 20.38 -4.47 -8.41
CA GLY B 41 19.72 -4.76 -9.67
C GLY B 41 20.66 -5.06 -10.81
N CYS B 42 21.29 -6.23 -10.75
CA CYS B 42 22.24 -6.67 -11.78
C CYS B 42 21.76 -7.93 -12.46
N GLY B 43 20.66 -8.49 -11.96
CA GLY B 43 20.11 -9.71 -12.53
C GLY B 43 20.08 -10.84 -11.53
N LYS B 44 20.54 -10.58 -10.30
CA LYS B 44 20.53 -11.60 -9.26
C LYS B 44 19.11 -12.10 -9.07
N SER B 45 18.18 -11.15 -9.10
CA SER B 45 16.75 -11.42 -8.95
C SER B 45 16.29 -12.43 -9.99
N THR B 46 16.62 -12.16 -11.25
CA THR B 46 16.22 -13.04 -12.33
C THR B 46 16.93 -14.39 -12.19
N LEU B 47 18.23 -14.35 -11.91
CA LEU B 47 19.01 -15.55 -11.76
C LEU B 47 18.38 -16.51 -10.76
N LEU B 48 18.06 -16.00 -9.57
CA LEU B 48 17.43 -16.82 -8.53
C LEU B 48 16.08 -17.32 -8.99
N ASP B 49 15.31 -16.44 -9.64
CA ASP B 49 13.99 -16.83 -10.16
C ASP B 49 14.15 -18.06 -11.05
N LEU B 50 15.12 -17.99 -11.96
CA LEU B 50 15.38 -19.09 -12.88
C LEU B 50 15.78 -20.36 -12.14
N LEU B 51 16.67 -20.23 -11.16
CA LEU B 51 17.10 -21.41 -10.43
C LEU B 51 15.94 -22.10 -9.71
N LEU B 52 14.97 -21.31 -9.26
CA LEU B 52 13.79 -21.86 -8.57
C LEU B 52 12.71 -22.22 -9.58
N GLY B 53 12.97 -21.92 -10.85
CA GLY B 53 12.02 -22.22 -11.90
C GLY B 53 10.70 -21.50 -11.87
N ILE B 54 10.68 -20.21 -11.52
CA ILE B 54 9.41 -19.50 -11.50
C ILE B 54 9.00 -19.37 -12.96
N HIS B 55 9.99 -19.19 -13.83
CA HIS B 55 9.74 -19.11 -15.26
C HIS B 55 10.91 -19.69 -16.03
N ARG B 56 10.66 -20.03 -17.29
CA ARG B 56 11.67 -20.62 -18.15
C ARG B 56 12.56 -19.53 -18.75
N PRO B 57 13.81 -19.87 -19.07
CA PRO B 57 14.76 -18.92 -19.66
C PRO B 57 14.62 -18.87 -21.17
N ILE B 58 15.27 -17.90 -21.81
CA ILE B 58 15.22 -17.80 -23.27
C ILE B 58 15.94 -19.01 -23.88
N GLN B 59 17.17 -19.25 -23.42
CA GLN B 59 17.97 -20.37 -23.90
C GLN B 59 18.59 -21.11 -22.72
N GLY B 60 19.15 -22.29 -22.99
CA GLY B 60 19.80 -23.06 -21.95
C GLY B 60 18.93 -23.94 -21.07
N LYS B 61 19.59 -24.62 -20.15
CA LYS B 61 18.92 -25.53 -19.22
C LYS B 61 19.47 -25.40 -17.81
N ILE B 62 18.61 -25.67 -16.84
CA ILE B 62 19.00 -25.64 -15.44
C ILE B 62 18.58 -26.95 -14.82
N GLU B 63 19.53 -27.68 -14.24
CA GLU B 63 19.20 -28.95 -13.60
C GLU B 63 19.65 -28.92 -12.13
N VAL B 64 18.72 -29.15 -11.20
CA VAL B 64 19.06 -29.15 -9.79
C VAL B 64 18.91 -30.58 -9.27
N TYR B 65 19.97 -31.09 -8.66
CA TYR B 65 20.02 -32.46 -8.18
C TYR B 65 19.74 -32.65 -6.70
N GLN B 66 19.51 -31.57 -5.98
CA GLN B 66 19.22 -31.65 -4.54
C GLN B 66 17.93 -30.90 -4.23
N SER B 67 17.28 -31.24 -3.14
CA SER B 67 16.07 -30.54 -2.76
C SER B 67 16.52 -29.09 -2.52
N ILE B 68 15.77 -28.14 -3.04
CA ILE B 68 16.12 -26.74 -2.94
C ILE B 68 15.30 -25.92 -1.94
N GLY B 69 16.00 -25.08 -1.18
CA GLY B 69 15.37 -24.21 -0.21
C GLY B 69 15.73 -22.78 -0.59
N PHE B 70 14.94 -21.81 -0.14
CA PHE B 70 15.20 -20.43 -0.48
C PHE B 70 15.05 -19.54 0.74
N VAL B 71 15.85 -18.47 0.78
CA VAL B 71 15.78 -17.52 1.88
C VAL B 71 15.76 -16.11 1.30
N PRO B 72 14.62 -15.42 1.43
CA PRO B 72 14.56 -14.05 0.90
C PRO B 72 15.24 -13.13 1.90
N GLN B 73 15.48 -11.90 1.50
CA GLN B 73 16.12 -10.95 2.39
C GLN B 73 15.18 -10.52 3.50
N PHE B 74 13.88 -10.46 3.20
CA PHE B 74 12.89 -10.04 4.17
C PHE B 74 11.59 -10.82 4.11
N PHE B 75 10.84 -10.78 5.21
CA PHE B 75 9.53 -11.40 5.27
C PHE B 75 8.63 -10.30 5.80
N SER B 76 7.68 -9.87 4.98
CA SER B 76 6.77 -8.80 5.38
C SER B 76 5.35 -9.32 5.46
N SER B 77 4.70 -9.09 6.60
CA SER B 77 3.32 -9.51 6.79
C SER B 77 2.64 -8.66 7.84
N PRO B 78 1.41 -8.20 7.54
CA PRO B 78 0.67 -7.37 8.50
C PRO B 78 0.18 -8.19 9.69
N PHE B 79 0.33 -9.51 9.60
CA PHE B 79 -0.12 -10.41 10.66
C PHE B 79 0.97 -10.77 11.67
N ALA B 80 0.62 -10.77 12.94
CA ALA B 80 1.55 -11.06 14.02
C ALA B 80 2.02 -12.51 14.13
N TYR B 81 2.51 -13.08 13.03
CA TYR B 81 3.00 -14.44 13.06
C TYR B 81 4.14 -14.61 14.06
N SER B 82 4.21 -15.77 14.70
CA SER B 82 5.26 -16.04 15.67
C SER B 82 6.44 -16.71 14.95
N VAL B 83 7.57 -16.76 15.63
CA VAL B 83 8.76 -17.38 15.09
C VAL B 83 8.45 -18.80 14.64
N LEU B 84 7.85 -19.58 15.53
CA LEU B 84 7.49 -20.97 15.21
C LEU B 84 6.58 -21.04 13.99
N ASP B 85 5.61 -20.11 13.91
CA ASP B 85 4.68 -20.08 12.78
C ASP B 85 5.45 -19.93 11.47
N ILE B 86 6.44 -19.04 11.47
CA ILE B 86 7.23 -18.81 10.28
C ILE B 86 8.08 -20.03 9.92
N VAL B 87 8.79 -20.58 10.90
CA VAL B 87 9.64 -21.72 10.63
C VAL B 87 8.82 -22.94 10.19
N LEU B 88 7.72 -23.18 10.88
CA LEU B 88 6.84 -24.32 10.57
C LEU B 88 6.39 -24.32 9.11
N MET B 89 6.23 -23.14 8.53
CA MET B 89 5.83 -23.07 7.13
C MET B 89 6.82 -23.83 6.27
N GLY B 90 8.03 -24.02 6.78
CA GLY B 90 9.05 -24.74 6.05
C GLY B 90 8.70 -26.21 5.90
N ARG B 91 7.72 -26.68 6.68
CA ARG B 91 7.29 -28.06 6.63
C ARG B 91 6.25 -28.26 5.54
N SER B 92 6.02 -27.19 4.79
CA SER B 92 5.06 -27.18 3.69
C SER B 92 5.01 -28.47 2.89
N THR B 93 6.15 -28.90 2.34
CA THR B 93 6.19 -30.12 1.53
C THR B 93 6.07 -31.43 2.28
N HIS B 94 6.03 -31.37 3.61
CA HIS B 94 5.90 -32.58 4.40
C HIS B 94 4.50 -32.73 4.98
N ILE B 95 3.60 -31.86 4.53
CA ILE B 95 2.22 -31.86 4.97
C ILE B 95 1.33 -31.84 3.74
N ASN B 96 0.31 -32.69 3.73
CA ASN B 96 -0.60 -32.75 2.58
C ASN B 96 -1.52 -31.52 2.56
N THR B 97 -1.91 -31.12 1.36
CA THR B 97 -2.76 -29.97 1.15
C THR B 97 -3.86 -29.74 2.19
N PHE B 98 -4.65 -30.76 2.48
CA PHE B 98 -5.73 -30.60 3.44
C PHE B 98 -5.43 -31.18 4.80
N ALA B 99 -4.15 -31.31 5.11
CA ALA B 99 -3.75 -31.87 6.39
C ALA B 99 -3.17 -30.81 7.30
N LYS B 100 -2.94 -31.19 8.56
CA LYS B 100 -2.38 -30.28 9.54
C LYS B 100 -0.98 -30.78 9.91
N PRO B 101 -0.11 -29.88 10.36
CA PRO B 101 1.23 -30.31 10.73
C PRO B 101 1.13 -31.30 11.90
N LYS B 102 2.05 -32.25 11.96
CA LYS B 102 2.06 -33.24 13.02
C LYS B 102 3.18 -32.94 14.01
N SER B 103 3.19 -33.66 15.12
CA SER B 103 4.21 -33.47 16.15
C SER B 103 5.61 -33.51 15.57
N HIS B 104 5.81 -34.35 14.55
CA HIS B 104 7.11 -34.47 13.90
C HIS B 104 7.49 -33.13 13.26
N ASP B 105 6.54 -32.52 12.57
CA ASP B 105 6.78 -31.24 11.92
C ASP B 105 7.21 -30.20 12.95
N TYR B 106 6.58 -30.20 14.12
CA TYR B 106 6.97 -29.26 15.16
C TYR B 106 8.35 -29.65 15.70
N GLN B 107 8.67 -30.93 15.63
CA GLN B 107 9.95 -31.42 16.11
C GLN B 107 11.08 -30.86 15.24
N VAL B 108 10.94 -31.04 13.93
CA VAL B 108 11.95 -30.56 13.00
C VAL B 108 12.17 -29.05 13.10
N ALA B 109 11.06 -28.31 13.16
CA ALA B 109 11.15 -26.85 13.26
C ALA B 109 11.91 -26.48 14.52
N MET B 110 11.59 -27.16 15.61
CA MET B 110 12.24 -26.91 16.89
C MET B 110 13.73 -27.25 16.85
N GLN B 111 14.09 -28.33 16.18
CA GLN B 111 15.50 -28.66 16.13
C GLN B 111 16.23 -27.70 15.18
N ALA B 112 15.49 -27.10 14.25
CA ALA B 112 16.08 -26.14 13.33
C ALA B 112 16.47 -24.91 14.13
N LEU B 113 15.57 -24.50 15.01
CA LEU B 113 15.80 -23.35 15.89
C LEU B 113 16.92 -23.65 16.87
N ASP B 114 16.92 -24.87 17.36
CA ASP B 114 17.92 -25.32 18.31
C ASP B 114 19.31 -25.27 17.68
N TYR B 115 19.39 -25.78 16.45
CA TYR B 115 20.64 -25.79 15.73
C TYR B 115 21.24 -24.39 15.68
N LEU B 116 20.41 -23.37 15.57
CA LEU B 116 20.88 -21.99 15.52
C LEU B 116 20.86 -21.31 16.90
N ASN B 117 20.55 -22.09 17.93
CA ASN B 117 20.49 -21.60 19.30
C ASN B 117 19.48 -20.47 19.44
N LEU B 118 18.30 -20.65 18.88
CA LEU B 118 17.26 -19.64 18.94
C LEU B 118 15.96 -20.21 19.49
N THR B 119 16.07 -21.35 20.19
CA THR B 119 14.91 -21.99 20.77
C THR B 119 14.11 -21.01 21.63
N HIS B 120 14.82 -20.16 22.35
CA HIS B 120 14.20 -19.16 23.21
C HIS B 120 13.51 -18.04 22.45
N LEU B 121 13.19 -18.29 21.18
CA LEU B 121 12.55 -17.27 20.36
C LEU B 121 11.25 -17.81 19.77
N ALA B 122 11.08 -19.13 19.86
CA ALA B 122 9.91 -19.81 19.32
C ALA B 122 8.57 -19.08 19.46
N LYS B 123 8.26 -18.61 20.66
CA LYS B 123 6.98 -17.94 20.91
C LYS B 123 6.96 -16.44 20.64
N ARG B 124 8.13 -15.86 20.37
CA ARG B 124 8.22 -14.43 20.12
C ARG B 124 7.51 -14.02 18.82
N GLU B 125 7.09 -12.76 18.76
CA GLU B 125 6.44 -12.25 17.57
C GLU B 125 7.55 -11.88 16.58
N PHE B 126 7.54 -12.53 15.42
CA PHE B 126 8.55 -12.30 14.40
C PHE B 126 9.01 -10.85 14.23
N THR B 127 8.07 -9.91 14.13
CA THR B 127 8.41 -8.50 13.93
C THR B 127 9.02 -7.80 15.13
N SER B 128 9.09 -8.49 16.27
CA SER B 128 9.67 -7.88 17.46
C SER B 128 11.15 -8.21 17.56
N LEU B 129 11.63 -9.02 16.63
CA LEU B 129 13.03 -9.42 16.61
C LEU B 129 13.87 -8.43 15.83
N SER B 130 15.18 -8.51 15.99
CA SER B 130 16.09 -7.63 15.28
C SER B 130 16.24 -8.15 13.85
N GLY B 131 16.88 -7.35 12.99
CA GLY B 131 17.08 -7.77 11.61
C GLY B 131 17.87 -9.05 11.53
N GLY B 132 18.90 -9.16 12.36
CA GLY B 132 19.75 -10.35 12.36
C GLY B 132 19.01 -11.61 12.78
N GLN B 133 18.18 -11.50 13.81
CA GLN B 133 17.41 -12.66 14.29
C GLN B 133 16.36 -13.03 13.25
N ARG B 134 15.78 -12.03 12.59
CA ARG B 134 14.79 -12.27 11.56
C ARG B 134 15.39 -13.06 10.41
N GLN B 135 16.53 -12.59 9.92
CA GLN B 135 17.22 -13.26 8.84
C GLN B 135 17.57 -14.69 9.26
N LEU B 136 18.03 -14.87 10.49
CA LEU B 136 18.37 -16.22 10.96
C LEU B 136 17.11 -17.08 11.02
N ILE B 137 16.00 -16.51 11.48
CA ILE B 137 14.78 -17.30 11.54
C ILE B 137 14.35 -17.73 10.14
N LEU B 138 14.61 -16.89 9.14
CA LEU B 138 14.25 -17.24 7.77
C LEU B 138 15.14 -18.36 7.25
N ILE B 139 16.38 -18.43 7.74
CA ILE B 139 17.26 -19.51 7.31
C ILE B 139 16.73 -20.80 7.97
N ALA B 140 16.27 -20.68 9.21
CA ALA B 140 15.72 -21.83 9.93
C ALA B 140 14.52 -22.43 9.20
N ARG B 141 13.61 -21.59 8.70
CA ARG B 141 12.46 -22.14 8.01
C ARG B 141 12.90 -22.93 6.77
N ALA B 142 13.95 -22.47 6.08
CA ALA B 142 14.45 -23.20 4.92
C ALA B 142 15.07 -24.51 5.40
N ILE B 143 15.77 -24.44 6.53
CA ILE B 143 16.40 -25.63 7.10
C ILE B 143 15.34 -26.67 7.50
N ALA B 144 14.27 -26.20 8.15
CA ALA B 144 13.20 -27.10 8.56
C ALA B 144 12.59 -27.82 7.35
N SER B 145 12.77 -27.26 6.15
CA SER B 145 12.21 -27.89 4.96
C SER B 145 13.07 -29.09 4.58
N GLU B 146 14.25 -29.18 5.19
CA GLU B 146 15.20 -30.26 4.95
C GLU B 146 15.84 -30.24 3.56
N CYS B 147 16.01 -29.04 3.00
CA CYS B 147 16.64 -28.88 1.70
C CYS B 147 18.13 -29.18 1.82
N LYS B 148 18.79 -29.43 0.69
CA LYS B 148 20.22 -29.71 0.68
C LYS B 148 20.95 -28.58 -0.07
N LEU B 149 20.20 -27.89 -0.93
CA LEU B 149 20.71 -26.76 -1.70
C LEU B 149 19.96 -25.54 -1.19
N ILE B 150 20.66 -24.63 -0.53
CA ILE B 150 20.02 -23.45 0.02
C ILE B 150 20.46 -22.16 -0.72
N LEU B 151 19.46 -21.46 -1.26
CA LEU B 151 19.67 -20.21 -1.98
C LEU B 151 19.28 -19.03 -1.09
N LEU B 152 20.23 -18.10 -0.88
CA LEU B 152 19.95 -16.93 -0.05
C LEU B 152 20.12 -15.64 -0.82
N ASP B 153 19.09 -14.80 -0.74
CA ASP B 153 19.12 -13.51 -1.40
C ASP B 153 19.64 -12.44 -0.44
N GLU B 154 20.81 -11.88 -0.75
CA GLU B 154 21.43 -10.82 0.07
C GLU B 154 21.32 -11.09 1.57
N PRO B 155 21.75 -12.28 2.03
CA PRO B 155 21.67 -12.61 3.46
C PRO B 155 22.34 -11.67 4.47
N THR B 156 23.34 -10.91 4.05
CA THR B 156 24.03 -10.04 4.99
C THR B 156 23.85 -8.54 4.82
N SER B 157 23.43 -8.12 3.63
CA SER B 157 23.30 -6.71 3.29
C SER B 157 22.70 -5.74 4.28
N ALA B 158 21.64 -6.15 4.98
CA ALA B 158 20.97 -5.26 5.91
C ALA B 158 21.26 -5.50 7.39
N LEU B 159 22.22 -6.37 7.70
CA LEU B 159 22.51 -6.66 9.09
C LEU B 159 23.68 -5.87 9.66
N ASP B 160 23.73 -5.74 10.98
CA ASP B 160 24.85 -5.04 11.60
C ASP B 160 26.04 -6.00 11.43
N LEU B 161 27.26 -5.49 11.59
CA LEU B 161 28.45 -6.30 11.41
C LEU B 161 28.51 -7.59 12.25
N ALA B 162 28.17 -7.50 13.53
CA ALA B 162 28.20 -8.68 14.38
C ALA B 162 27.30 -9.81 13.84
N ASN B 163 26.14 -9.44 13.31
CA ASN B 163 25.19 -10.41 12.76
C ASN B 163 25.60 -10.95 11.40
N GLN B 164 26.27 -10.11 10.61
CA GLN B 164 26.75 -10.55 9.33
C GLN B 164 27.78 -11.64 9.61
N ASP B 165 28.58 -11.41 10.66
CA ASP B 165 29.59 -12.36 11.07
C ASP B 165 28.96 -13.71 11.43
N ILE B 166 27.87 -13.67 12.19
CA ILE B 166 27.18 -14.90 12.59
C ILE B 166 26.66 -15.63 11.35
N VAL B 167 26.12 -14.89 10.40
CA VAL B 167 25.59 -15.49 9.19
C VAL B 167 26.66 -16.15 8.34
N LEU B 168 27.80 -15.49 8.19
CA LEU B 168 28.90 -16.05 7.39
C LEU B 168 29.37 -17.37 8.01
N SER B 169 29.55 -17.38 9.32
CA SER B 169 29.98 -18.59 10.03
C SER B 169 28.96 -19.71 9.86
N LEU B 170 27.67 -19.34 9.94
CA LEU B 170 26.60 -20.32 9.79
C LEU B 170 26.62 -20.99 8.42
N LEU B 171 26.77 -20.20 7.36
CA LEU B 171 26.77 -20.74 6.00
C LEU B 171 27.93 -21.71 5.77
N ILE B 172 29.08 -21.42 6.38
CA ILE B 172 30.24 -22.29 6.24
C ILE B 172 29.94 -23.61 6.95
N ASP B 173 29.31 -23.51 8.11
CA ASP B 173 28.96 -24.69 8.88
C ASP B 173 27.91 -25.56 8.17
N LEU B 174 27.00 -24.93 7.44
CA LEU B 174 25.97 -25.68 6.73
C LEU B 174 26.58 -26.48 5.59
N ALA B 175 27.57 -25.90 4.92
CA ALA B 175 28.23 -26.56 3.80
C ALA B 175 29.27 -27.59 4.22
N GLN B 176 30.05 -27.27 5.26
CA GLN B 176 31.09 -28.17 5.71
C GLN B 176 30.64 -29.26 6.67
N SER B 177 29.69 -28.93 7.55
CA SER B 177 29.23 -29.91 8.53
C SER B 177 27.96 -30.67 8.16
N GLN B 178 27.02 -29.99 7.50
CA GLN B 178 25.76 -30.64 7.13
C GLN B 178 25.68 -30.98 5.67
N ASN B 179 26.82 -30.94 4.99
CA ASN B 179 26.92 -31.23 3.56
C ASN B 179 25.81 -30.60 2.72
N MET B 180 25.57 -29.32 2.94
CA MET B 180 24.57 -28.59 2.17
C MET B 180 25.34 -27.80 1.11
N THR B 181 24.64 -27.38 0.06
CA THR B 181 25.26 -26.58 -0.98
C THR B 181 24.65 -25.19 -0.82
N VAL B 182 25.50 -24.17 -0.81
CA VAL B 182 25.04 -22.81 -0.60
C VAL B 182 25.27 -21.84 -1.76
N VAL B 183 24.24 -21.04 -2.05
CA VAL B 183 24.30 -20.01 -3.08
C VAL B 183 23.70 -18.74 -2.46
N PHE B 184 24.51 -17.68 -2.36
CA PHE B 184 24.04 -16.42 -1.80
C PHE B 184 24.50 -15.27 -2.68
N THR B 185 23.71 -14.19 -2.70
CA THR B 185 24.03 -13.00 -3.49
C THR B 185 24.64 -11.99 -2.54
N THR B 186 25.55 -11.16 -3.06
CA THR B 186 26.24 -10.16 -2.26
C THR B 186 26.93 -9.12 -3.15
N HIS B 187 27.32 -8.00 -2.55
CA HIS B 187 28.03 -6.95 -3.28
C HIS B 187 29.34 -6.70 -2.55
N GLN B 188 29.63 -7.55 -1.57
CA GLN B 188 30.82 -7.41 -0.74
C GLN B 188 31.92 -8.46 -0.98
N PRO B 189 32.97 -8.10 -1.74
CA PRO B 189 34.06 -9.03 -2.02
C PRO B 189 34.77 -9.67 -0.81
N ASN B 190 34.89 -8.95 0.30
CA ASN B 190 35.55 -9.53 1.47
C ASN B 190 34.75 -10.73 2.01
N GLN B 191 33.42 -10.67 1.89
CA GLN B 191 32.58 -11.76 2.37
C GLN B 191 32.69 -12.94 1.43
N VAL B 192 33.00 -12.66 0.17
CA VAL B 192 33.16 -13.71 -0.84
C VAL B 192 34.44 -14.51 -0.55
N VAL B 193 35.55 -13.82 -0.34
CA VAL B 193 36.80 -14.51 -0.07
C VAL B 193 36.71 -15.21 1.29
N ALA B 194 35.89 -14.69 2.19
CA ALA B 194 35.73 -15.28 3.51
C ALA B 194 35.08 -16.67 3.52
N ILE B 195 34.09 -16.89 2.67
CA ILE B 195 33.40 -18.18 2.71
C ILE B 195 33.05 -18.90 1.41
N ALA B 196 33.25 -18.25 0.27
CA ALA B 196 32.89 -18.87 -0.99
C ALA B 196 34.04 -19.45 -1.79
N ASN B 197 34.01 -20.75 -2.04
CA ASN B 197 35.06 -21.40 -2.83
C ASN B 197 34.82 -21.16 -4.31
N LYS B 198 33.59 -20.80 -4.67
CA LYS B 198 33.22 -20.51 -6.07
C LYS B 198 32.52 -19.15 -6.11
N THR B 199 32.73 -18.37 -7.17
CA THR B 199 32.05 -17.09 -7.29
C THR B 199 31.66 -16.77 -8.74
N LEU B 200 30.54 -16.07 -8.88
CA LEU B 200 30.00 -15.68 -10.17
C LEU B 200 29.90 -14.16 -10.15
N LEU B 201 30.59 -13.50 -11.07
CA LEU B 201 30.56 -12.04 -11.15
C LEU B 201 29.57 -11.61 -12.23
N LEU B 202 28.62 -10.76 -11.86
CA LEU B 202 27.61 -10.26 -12.81
C LEU B 202 27.86 -8.79 -13.14
N ASN B 203 28.27 -8.52 -14.37
CA ASN B 203 28.55 -7.16 -14.81
C ASN B 203 28.00 -6.88 -16.22
N LYS B 204 26.96 -6.06 -16.30
CA LYS B 204 26.34 -5.68 -17.58
C LYS B 204 26.39 -6.79 -18.65
N GLN B 205 25.37 -7.64 -18.68
CA GLN B 205 25.30 -8.73 -19.65
C GLN B 205 26.52 -9.64 -19.68
N ASN B 206 27.58 -9.27 -18.96
CA ASN B 206 28.79 -10.07 -18.91
C ASN B 206 28.94 -10.73 -17.55
N PHE B 207 29.77 -11.76 -17.48
CA PHE B 207 29.97 -12.49 -16.24
C PHE B 207 31.26 -13.29 -16.24
N LYS B 208 31.57 -13.88 -15.09
CA LYS B 208 32.74 -14.71 -14.90
C LYS B 208 32.46 -15.69 -13.77
N PHE B 209 32.78 -16.96 -14.01
CA PHE B 209 32.56 -17.99 -13.03
C PHE B 209 33.80 -18.86 -12.89
N GLY B 210 34.04 -19.34 -11.68
CA GLY B 210 35.19 -20.19 -11.43
C GLY B 210 35.59 -20.20 -9.98
N GLU B 211 36.80 -20.67 -9.72
CA GLU B 211 37.33 -20.71 -8.36
C GLU B 211 37.46 -19.28 -7.89
N THR B 212 37.06 -19.03 -6.65
CA THR B 212 37.12 -17.70 -6.08
C THR B 212 38.47 -17.00 -6.25
N ARG B 213 39.56 -17.67 -5.90
CA ARG B 213 40.89 -17.07 -6.02
C ARG B 213 41.26 -16.72 -7.47
N ASN B 214 40.62 -17.38 -8.43
CA ASN B 214 40.88 -17.10 -9.85
C ASN B 214 40.05 -15.90 -10.32
N ILE B 215 38.86 -15.73 -9.75
CA ILE B 215 37.95 -14.67 -10.14
C ILE B 215 38.06 -13.37 -9.39
N LEU B 216 38.24 -13.45 -8.07
CA LEU B 216 38.37 -12.26 -7.24
C LEU B 216 39.73 -11.63 -7.37
N THR B 217 39.94 -10.88 -8.43
CA THR B 217 41.23 -10.23 -8.63
C THR B 217 41.00 -8.74 -8.80
N SER B 218 42.06 -7.95 -8.59
CA SER B 218 41.99 -6.51 -8.75
C SER B 218 41.42 -6.16 -10.10
N GLU B 219 41.92 -6.82 -11.14
CA GLU B 219 41.46 -6.56 -12.51
C GLU B 219 39.97 -6.86 -12.72
N ASN B 220 39.51 -8.00 -12.23
CA ASN B 220 38.11 -8.34 -12.41
C ASN B 220 37.19 -7.43 -11.57
N LEU B 221 37.60 -7.13 -10.35
CA LEU B 221 36.77 -6.28 -9.50
C LEU B 221 36.74 -4.83 -10.00
N THR B 222 37.88 -4.35 -10.49
CA THR B 222 37.94 -2.99 -11.01
C THR B 222 37.00 -2.84 -12.21
N ALA B 223 36.94 -3.87 -13.06
CA ALA B 223 36.06 -3.83 -14.22
C ALA B 223 34.59 -3.93 -13.79
N LEU B 224 34.33 -4.74 -12.78
CA LEU B 224 32.98 -4.91 -12.27
C LEU B 224 32.44 -3.66 -11.57
N PHE B 225 33.26 -3.03 -10.73
CA PHE B 225 32.85 -1.85 -9.98
C PHE B 225 33.09 -0.49 -10.63
N HIS B 226 33.76 -0.49 -11.78
CA HIS B 226 34.04 0.76 -12.50
C HIS B 226 34.71 1.77 -11.57
N LEU B 227 35.53 1.25 -10.68
CA LEU B 227 36.28 2.02 -9.71
C LEU B 227 37.50 1.15 -9.44
N PRO B 228 38.69 1.75 -9.27
CA PRO B 228 39.82 0.86 -8.99
C PRO B 228 39.66 0.10 -7.69
N MET B 229 39.90 -1.21 -7.75
CA MET B 229 39.80 -2.08 -6.59
C MET B 229 41.10 -2.85 -6.53
N PHE B 230 41.69 -2.96 -5.34
CA PHE B 230 42.92 -3.71 -5.23
C PHE B 230 42.95 -4.65 -4.05
N GLU B 231 43.55 -5.81 -4.28
CA GLU B 231 43.67 -6.82 -3.25
C GLU B 231 44.77 -6.38 -2.28
N GLN B 232 44.54 -6.59 -0.99
CA GLN B 232 45.51 -6.22 0.02
C GLN B 232 45.75 -7.37 0.98
N GLN B 233 47.01 -7.59 1.33
CA GLN B 233 47.37 -8.64 2.27
C GLN B 233 47.44 -8.03 3.65
N ALA B 234 47.25 -8.85 4.67
CA ALA B 234 47.31 -8.36 6.02
C ALA B 234 47.55 -9.51 6.97
N GLN B 235 47.98 -9.16 8.17
CA GLN B 235 48.23 -10.14 9.22
C GLN B 235 47.73 -9.55 10.52
N TYR B 236 46.89 -10.31 11.20
CA TYR B 236 46.32 -9.91 12.47
C TYR B 236 46.65 -11.01 13.46
N LYS B 237 47.48 -10.68 14.45
CA LYS B 237 47.90 -11.64 15.48
C LYS B 237 48.39 -12.93 14.83
N GLU B 238 49.32 -12.82 13.89
CA GLU B 238 49.87 -14.00 13.20
C GLU B 238 48.95 -14.62 12.14
N SER B 239 47.70 -14.18 12.07
CA SER B 239 46.77 -14.71 11.08
C SER B 239 46.80 -13.90 9.79
N PHE B 240 47.23 -14.56 8.71
CA PHE B 240 47.30 -13.93 7.40
C PHE B 240 45.92 -13.94 6.75
N PHE B 241 45.61 -12.93 5.95
CA PHE B 241 44.34 -12.87 5.23
C PHE B 241 44.40 -11.81 4.14
N THR B 242 43.52 -11.93 3.16
CA THR B 242 43.44 -10.96 2.08
C THR B 242 42.06 -10.29 2.10
N HIS B 243 42.01 -9.06 1.60
CA HIS B 243 40.76 -8.30 1.54
C HIS B 243 40.91 -7.34 0.38
N PHE B 244 39.81 -6.72 -0.04
CA PHE B 244 39.82 -5.81 -1.16
C PHE B 244 39.41 -4.40 -0.82
N VAL B 245 40.18 -3.42 -1.31
CA VAL B 245 39.83 -2.05 -1.00
C VAL B 245 39.49 -1.20 -2.23
N PRO B 246 38.33 -0.52 -2.17
CA PRO B 246 37.86 0.35 -3.26
C PRO B 246 38.63 1.67 -3.14
N LEU B 247 39.16 2.15 -4.26
CA LEU B 247 39.94 3.38 -4.25
C LEU B 247 39.13 4.63 -4.58
N TYR B 248 38.52 5.24 -3.57
CA TYR B 248 37.73 6.46 -3.78
C TYR B 248 38.67 7.59 -4.12
N LYS B 249 38.30 8.38 -5.11
CA LYS B 249 39.12 9.50 -5.54
C LYS B 249 39.53 10.39 -4.37
N THR B 250 38.64 10.55 -3.39
CA THR B 250 38.90 11.39 -2.22
C THR B 250 39.92 10.81 -1.23
N LEU B 251 40.22 9.52 -1.35
CA LEU B 251 41.19 8.91 -0.45
C LEU B 251 42.58 9.43 -0.81
N LEU B 252 42.78 9.71 -2.09
CA LEU B 252 44.03 10.23 -2.60
C LEU B 252 44.34 11.62 -2.07
N SER C 5 3.89 20.87 -26.55
CA SER C 5 3.69 22.27 -26.11
C SER C 5 2.41 22.41 -25.29
N TYR C 6 2.58 22.78 -24.01
CA TYR C 6 1.45 22.93 -23.10
C TYR C 6 0.32 23.80 -23.65
N PRO C 7 0.63 25.03 -24.09
CA PRO C 7 -0.39 25.94 -24.63
C PRO C 7 -1.22 25.32 -25.75
N LYS C 8 -0.56 24.59 -26.65
CA LYS C 8 -1.26 23.96 -27.76
C LYS C 8 -2.31 22.98 -27.26
N ILE C 9 -1.93 22.19 -26.25
CA ILE C 9 -2.83 21.21 -25.66
C ILE C 9 -4.08 21.90 -25.11
N LEU C 10 -3.88 22.96 -24.33
CA LEU C 10 -5.00 23.70 -23.75
C LEU C 10 -5.95 24.25 -24.82
N PHE C 11 -5.40 24.74 -25.92
CA PHE C 11 -6.23 25.27 -27.01
C PHE C 11 -7.06 24.13 -27.58
N GLY C 12 -6.38 23.05 -27.95
CA GLY C 12 -7.06 21.90 -28.52
C GLY C 12 -8.19 21.42 -27.63
N LEU C 13 -7.94 21.38 -26.32
CA LEU C 13 -8.94 20.93 -25.37
C LEU C 13 -10.10 21.91 -25.28
N THR C 14 -9.80 23.20 -25.20
CA THR C 14 -10.83 24.22 -25.11
C THR C 14 -11.69 24.21 -26.36
N LEU C 15 -11.06 23.98 -27.50
CA LEU C 15 -11.76 23.92 -28.77
C LEU C 15 -12.70 22.73 -28.75
N LEU C 16 -12.17 21.58 -28.35
CA LEU C 16 -12.93 20.35 -28.26
C LEU C 16 -14.12 20.53 -27.31
N LEU C 17 -13.90 21.29 -26.24
CA LEU C 17 -14.96 21.55 -25.28
C LEU C 17 -16.11 22.23 -26.01
N VAL C 18 -15.78 23.25 -26.79
CA VAL C 18 -16.80 23.99 -27.54
C VAL C 18 -17.47 23.16 -28.63
N ILE C 19 -16.67 22.40 -29.37
CA ILE C 19 -17.25 21.56 -30.42
C ILE C 19 -18.27 20.64 -29.78
N THR C 20 -17.95 20.15 -28.59
CA THR C 20 -18.85 19.26 -27.86
C THR C 20 -20.11 20.00 -27.41
N ALA C 21 -19.97 21.28 -27.08
CA ALA C 21 -21.09 22.09 -26.63
C ALA C 21 -22.10 22.28 -27.76
N VAL C 22 -21.60 22.54 -28.96
CA VAL C 22 -22.46 22.74 -30.13
C VAL C 22 -23.16 21.44 -30.52
N ILE C 23 -22.39 20.37 -30.67
CA ILE C 23 -22.98 19.08 -31.02
C ILE C 23 -24.06 18.78 -29.98
N SER C 24 -23.93 19.42 -28.82
CA SER C 24 -24.88 19.23 -27.73
C SER C 24 -26.23 19.84 -28.09
N LEU C 25 -26.20 20.88 -28.91
CA LEU C 25 -27.42 21.57 -29.34
C LEU C 25 -28.15 20.80 -30.43
N GLY C 26 -27.49 19.81 -31.01
CA GLY C 26 -28.09 19.02 -32.06
C GLY C 26 -28.74 17.73 -31.54
N ILE C 27 -29.02 17.69 -30.25
CA ILE C 27 -29.64 16.52 -29.64
C ILE C 27 -30.87 16.92 -28.84
N GLY C 28 -31.92 16.10 -28.89
CA GLY C 28 -33.12 16.40 -28.15
C GLY C 28 -34.29 16.92 -28.98
N ARG C 29 -35.40 17.17 -28.30
CA ARG C 29 -36.64 17.66 -28.91
C ARG C 29 -36.47 18.65 -30.05
N TYR C 30 -36.09 19.88 -29.73
CA TYR C 30 -35.92 20.90 -30.75
C TYR C 30 -34.46 21.18 -31.06
N SER C 31 -33.83 20.22 -31.74
CA SER C 31 -32.43 20.31 -32.12
C SER C 31 -32.14 21.46 -33.07
N LEU C 32 -30.97 21.41 -33.71
CA LEU C 32 -30.55 22.43 -34.66
C LEU C 32 -30.25 21.80 -36.02
N SER C 33 -29.67 22.60 -36.92
CA SER C 33 -29.33 22.14 -38.25
C SER C 33 -28.02 21.34 -38.25
N VAL C 34 -28.09 20.13 -38.77
CA VAL C 34 -26.91 19.26 -38.84
C VAL C 34 -25.90 19.78 -39.84
N GLN C 54 -36.77 29.38 -34.95
CA GLN C 54 -37.07 30.44 -33.99
C GLN C 54 -37.99 29.92 -32.87
N GLN C 55 -38.91 29.04 -33.25
CA GLN C 55 -39.84 28.45 -32.28
C GLN C 55 -39.07 27.54 -31.33
N GLN C 56 -37.84 27.23 -31.73
CA GLN C 56 -36.96 26.36 -30.94
C GLN C 56 -35.95 27.20 -30.16
N VAL C 57 -36.43 27.86 -29.11
CA VAL C 57 -35.57 28.68 -28.26
C VAL C 57 -35.37 27.94 -26.94
N ILE C 58 -35.51 26.62 -27.00
CA ILE C 58 -35.34 25.75 -25.84
C ILE C 58 -33.96 25.90 -25.24
N PHE C 59 -33.11 26.69 -25.90
CA PHE C 59 -31.76 26.93 -25.44
C PHE C 59 -31.72 27.62 -24.08
N GLN C 60 -32.89 27.73 -23.44
CA GLN C 60 -32.99 28.34 -22.12
C GLN C 60 -33.31 27.26 -21.10
N VAL C 61 -33.09 26.02 -21.51
CA VAL C 61 -33.31 24.84 -20.68
C VAL C 61 -32.14 23.89 -20.96
N ARG C 62 -31.55 24.07 -22.14
CA ARG C 62 -30.44 23.26 -22.62
C ARG C 62 -29.08 23.90 -22.28
N LEU C 63 -28.94 25.18 -22.60
CA LEU C 63 -27.70 25.91 -22.34
C LEU C 63 -27.34 25.81 -20.86
N PRO C 64 -28.32 26.04 -19.97
CA PRO C 64 -28.01 25.95 -18.54
C PRO C 64 -27.59 24.53 -18.15
N ARG C 65 -27.96 23.56 -18.99
CA ARG C 65 -27.63 22.18 -18.72
C ARG C 65 -26.22 21.87 -19.24
N ILE C 66 -25.89 22.43 -20.39
CA ILE C 66 -24.57 22.23 -20.97
C ILE C 66 -23.56 22.83 -20.01
N LEU C 67 -23.87 24.02 -19.50
CA LEU C 67 -23.01 24.72 -18.57
C LEU C 67 -22.87 24.01 -17.22
N THR C 68 -23.94 23.35 -16.79
CA THR C 68 -23.91 22.63 -15.51
C THR C 68 -23.01 21.41 -15.61
N ALA C 69 -23.13 20.67 -16.71
CA ALA C 69 -22.35 19.47 -16.93
C ALA C 69 -20.86 19.83 -17.00
N LEU C 70 -20.55 20.93 -17.69
CA LEU C 70 -19.17 21.39 -17.84
C LEU C 70 -18.56 21.73 -16.48
N CYS C 71 -19.25 22.57 -15.72
CA CYS C 71 -18.76 22.97 -14.41
C CYS C 71 -18.66 21.82 -13.44
N VAL C 72 -19.64 20.92 -13.46
CA VAL C 72 -19.64 19.78 -12.56
C VAL C 72 -18.53 18.80 -12.91
N GLY C 73 -18.29 18.62 -14.21
CA GLY C 73 -17.23 17.72 -14.63
C GLY C 73 -15.89 18.27 -14.19
N ALA C 74 -15.67 19.55 -14.46
CA ALA C 74 -14.44 20.23 -14.09
C ALA C 74 -14.21 20.18 -12.58
N GLY C 75 -15.28 20.38 -11.82
CA GLY C 75 -15.18 20.38 -10.37
C GLY C 75 -14.92 19.03 -9.75
N LEU C 76 -15.48 17.98 -10.34
CA LEU C 76 -15.26 16.63 -9.83
C LEU C 76 -13.86 16.17 -10.19
N ALA C 77 -13.43 16.50 -11.39
CA ALA C 77 -12.10 16.11 -11.83
C ALA C 77 -11.06 16.83 -10.95
N LEU C 78 -11.32 18.10 -10.65
CA LEU C 78 -10.42 18.92 -9.84
C LEU C 78 -10.24 18.33 -8.45
N SER C 79 -11.34 17.96 -7.83
CA SER C 79 -11.32 17.37 -6.48
C SER C 79 -10.54 16.08 -6.50
N GLY C 80 -10.75 15.30 -7.55
CA GLY C 80 -10.08 14.04 -7.68
C GLY C 80 -8.56 14.20 -7.75
N VAL C 81 -8.08 15.06 -8.65
CA VAL C 81 -6.65 15.25 -8.79
C VAL C 81 -5.97 15.85 -7.54
N VAL C 82 -6.62 16.79 -6.87
CA VAL C 82 -6.00 17.39 -5.69
C VAL C 82 -5.97 16.40 -4.53
N LEU C 83 -6.97 15.53 -4.45
CA LEU C 83 -7.01 14.53 -3.40
C LEU C 83 -5.96 13.46 -3.66
N GLN C 84 -5.75 13.12 -4.93
CA GLN C 84 -4.75 12.15 -5.27
C GLN C 84 -3.37 12.70 -4.89
N GLY C 85 -3.21 14.02 -5.01
CA GLY C 85 -1.96 14.67 -4.63
C GLY C 85 -1.76 14.66 -3.13
N ILE C 86 -2.83 14.95 -2.36
CA ILE C 86 -2.75 14.95 -0.90
C ILE C 86 -2.40 13.56 -0.39
N PHE C 87 -3.10 12.55 -0.90
CA PHE C 87 -2.87 11.19 -0.46
C PHE C 87 -1.77 10.45 -1.20
N ARG C 88 -1.08 11.15 -2.09
CA ARG C 88 0.02 10.55 -2.83
C ARG C 88 -0.42 9.20 -3.40
N ASN C 89 -1.66 9.11 -3.85
CA ASN C 89 -2.19 7.87 -4.40
C ASN C 89 -3.10 8.17 -5.58
N PRO C 90 -2.84 7.53 -6.73
CA PRO C 90 -3.67 7.75 -7.92
C PRO C 90 -5.02 7.02 -7.92
N LEU C 91 -5.24 6.18 -6.91
CA LEU C 91 -6.50 5.44 -6.82
C LEU C 91 -7.47 6.08 -5.86
N VAL C 92 -7.19 7.31 -5.47
CA VAL C 92 -8.04 8.06 -4.57
C VAL C 92 -9.02 8.87 -5.40
N ASN C 93 -10.19 9.16 -4.84
CA ASN C 93 -11.21 9.93 -5.54
C ASN C 93 -11.88 10.86 -4.53
N PRO C 94 -12.73 11.77 -5.02
CA PRO C 94 -13.42 12.70 -4.12
C PRO C 94 -14.31 12.08 -3.04
N HIS C 95 -14.41 10.76 -3.00
CA HIS C 95 -15.28 10.12 -2.02
C HIS C 95 -14.59 9.28 -0.95
N ILE C 96 -13.31 9.53 -0.69
CA ILE C 96 -12.61 8.74 0.33
C ILE C 96 -12.56 9.49 1.66
N ILE C 97 -12.92 10.76 1.60
CA ILE C 97 -12.91 11.59 2.80
C ILE C 97 -14.29 11.59 3.48
N GLY C 98 -15.25 10.92 2.85
CA GLY C 98 -16.60 10.82 3.39
C GLY C 98 -17.56 11.98 3.15
N VAL C 99 -17.14 13.00 2.43
CA VAL C 99 -17.98 14.17 2.17
C VAL C 99 -19.20 13.90 1.30
N THR C 100 -19.08 12.98 0.36
CA THR C 100 -20.19 12.65 -0.51
C THR C 100 -21.30 11.93 0.26
N SER C 101 -20.91 11.10 1.22
CA SER C 101 -21.89 10.39 2.03
C SER C 101 -22.62 11.37 2.94
N GLY C 102 -21.87 12.19 3.65
CA GLY C 102 -22.48 13.18 4.53
C GLY C 102 -23.43 14.07 3.75
N SER C 103 -22.97 14.56 2.60
CA SER C 103 -23.80 15.42 1.77
C SER C 103 -25.05 14.69 1.35
N ALA C 104 -24.89 13.43 0.95
CA ALA C 104 -26.00 12.60 0.52
C ALA C 104 -27.03 12.53 1.65
N PHE C 105 -26.54 12.35 2.87
CA PHE C 105 -27.43 12.28 4.03
C PHE C 105 -28.16 13.60 4.23
N GLY C 106 -27.41 14.71 4.19
CA GLY C 106 -28.00 16.02 4.37
C GLY C 106 -29.12 16.28 3.39
N GLY C 107 -28.90 15.92 2.13
CA GLY C 107 -29.91 16.11 1.12
C GLY C 107 -31.06 15.13 1.27
N THR C 108 -30.78 13.97 1.85
CA THR C 108 -31.80 12.95 2.07
C THR C 108 -32.64 13.37 3.27
N LEU C 109 -31.97 13.88 4.31
CA LEU C 109 -32.65 14.33 5.51
C LEU C 109 -33.62 15.45 5.14
N ALA C 110 -33.23 16.25 4.15
CA ALA C 110 -34.05 17.36 3.69
C ALA C 110 -35.29 16.91 2.92
N ILE C 111 -35.14 15.90 2.06
CA ILE C 111 -36.28 15.40 1.29
C ILE C 111 -37.29 14.76 2.24
N PHE C 112 -36.76 14.00 3.20
CA PHE C 112 -37.58 13.32 4.19
C PHE C 112 -38.48 14.31 4.92
N PHE C 113 -37.95 15.51 5.17
CA PHE C 113 -38.73 16.54 5.86
C PHE C 113 -39.33 17.55 4.89
N GLY C 114 -39.35 17.20 3.61
CA GLY C 114 -39.91 18.07 2.59
C GLY C 114 -39.43 19.51 2.55
N PHE C 115 -38.15 19.75 2.84
CA PHE C 115 -37.60 21.11 2.79
C PHE C 115 -37.74 21.69 1.39
N SER C 116 -37.48 22.99 1.26
CA SER C 116 -37.54 23.66 -0.03
C SER C 116 -36.23 23.41 -0.76
N LEU C 117 -36.18 23.76 -2.04
CA LEU C 117 -34.98 23.55 -2.85
C LEU C 117 -33.74 24.12 -2.15
N TYR C 118 -33.90 25.29 -1.54
CA TYR C 118 -32.78 25.93 -0.84
C TYR C 118 -32.53 25.26 0.50
N GLY C 119 -33.56 24.62 1.04
CA GLY C 119 -33.40 23.94 2.31
C GLY C 119 -32.54 22.71 2.05
N LEU C 120 -32.68 22.15 0.85
CA LEU C 120 -31.92 20.98 0.44
C LEU C 120 -30.46 21.40 0.26
N PHE C 121 -30.25 22.51 -0.43
CA PHE C 121 -28.91 23.04 -0.65
C PHE C 121 -28.16 23.22 0.65
N THR C 122 -28.76 23.98 1.55
CA THR C 122 -28.16 24.28 2.84
C THR C 122 -27.91 23.04 3.70
N SER C 123 -28.82 22.07 3.66
CA SER C 123 -28.68 20.85 4.45
C SER C 123 -27.55 19.98 3.88
N THR C 124 -27.53 19.81 2.57
CA THR C 124 -26.51 19.02 1.90
C THR C 124 -25.13 19.58 2.26
N ILE C 125 -24.96 20.87 1.98
CA ILE C 125 -23.72 21.58 2.25
C ILE C 125 -23.34 21.55 3.73
N LEU C 126 -24.33 21.75 4.59
CA LEU C 126 -24.08 21.76 6.03
C LEU C 126 -23.50 20.43 6.50
N PHE C 127 -24.10 19.33 6.08
CA PHE C 127 -23.60 18.02 6.49
C PHE C 127 -22.32 17.67 5.74
N GLY C 128 -22.15 18.27 4.56
CA GLY C 128 -20.95 18.03 3.79
C GLY C 128 -19.81 18.65 4.59
N PHE C 129 -19.94 19.94 4.87
CA PHE C 129 -18.93 20.66 5.66
C PHE C 129 -18.72 19.96 6.99
N GLY C 130 -19.83 19.63 7.65
CA GLY C 130 -19.76 18.97 8.95
C GLY C 130 -18.91 17.72 8.93
N THR C 131 -19.04 16.92 7.87
CA THR C 131 -18.26 15.70 7.77
C THR C 131 -16.78 16.08 7.76
N LEU C 132 -16.44 17.14 7.05
CA LEU C 132 -15.06 17.62 6.98
C LEU C 132 -14.61 17.96 8.41
N ALA C 133 -15.44 18.70 9.12
CA ALA C 133 -15.12 19.09 10.49
C ALA C 133 -14.85 17.86 11.35
N LEU C 134 -15.71 16.86 11.24
CA LEU C 134 -15.55 15.63 12.02
C LEU C 134 -14.22 14.95 11.71
N VAL C 135 -13.93 14.81 10.42
CA VAL C 135 -12.68 14.18 10.01
C VAL C 135 -11.53 14.97 10.60
N PHE C 136 -11.69 16.28 10.65
CA PHE C 136 -10.68 17.15 11.20
C PHE C 136 -10.54 16.87 12.70
N LEU C 137 -11.66 16.98 13.42
CA LEU C 137 -11.65 16.76 14.86
C LEU C 137 -11.05 15.40 15.23
N PHE C 138 -11.61 14.34 14.66
CA PHE C 138 -11.13 12.98 14.94
C PHE C 138 -9.65 12.73 14.66
N SER C 139 -8.94 13.74 14.16
CA SER C 139 -7.52 13.58 13.87
C SER C 139 -6.66 14.29 14.92
N LEU C 147 -2.33 10.05 7.53
CA LEU C 147 -2.92 10.05 6.19
C LEU C 147 -3.85 8.86 6.03
N LEU C 148 -3.36 7.68 6.39
CA LEU C 148 -4.17 6.47 6.31
C LEU C 148 -5.33 6.62 7.30
N MET C 149 -5.06 7.29 8.42
CA MET C 149 -6.07 7.53 9.44
C MET C 149 -7.24 8.35 8.92
N LEU C 150 -6.96 9.32 8.05
CA LEU C 150 -8.01 10.13 7.48
C LEU C 150 -8.92 9.24 6.64
N ILE C 151 -8.30 8.30 5.93
CA ILE C 151 -9.04 7.36 5.09
C ILE C 151 -9.92 6.45 5.95
N LEU C 152 -9.35 5.93 7.04
CA LEU C 152 -10.12 5.06 7.92
C LEU C 152 -11.26 5.85 8.58
N ILE C 153 -10.98 7.09 8.97
CA ILE C 153 -12.00 7.93 9.58
C ILE C 153 -13.11 8.18 8.56
N GLY C 154 -12.73 8.55 7.35
CA GLY C 154 -13.70 8.81 6.30
C GLY C 154 -14.53 7.58 5.98
N MET C 155 -13.94 6.41 6.22
CA MET C 155 -14.60 5.14 5.97
C MET C 155 -15.71 4.92 7.00
N ILE C 156 -15.40 5.24 8.25
CA ILE C 156 -16.33 5.10 9.36
C ILE C 156 -17.53 6.04 9.12
N LEU C 157 -17.23 7.31 8.92
CA LEU C 157 -18.26 8.32 8.67
C LEU C 157 -19.10 7.97 7.46
N SER C 158 -18.44 7.51 6.40
CA SER C 158 -19.13 7.12 5.19
C SER C 158 -20.12 5.99 5.51
N GLY C 159 -19.73 5.13 6.45
CA GLY C 159 -20.56 4.02 6.84
C GLY C 159 -21.78 4.43 7.65
N LEU C 160 -21.58 5.28 8.66
CA LEU C 160 -22.69 5.74 9.48
C LEU C 160 -23.71 6.46 8.60
N PHE C 161 -23.26 7.42 7.80
CA PHE C 161 -24.15 8.17 6.93
C PHE C 161 -24.93 7.30 5.96
N SER C 162 -24.30 6.25 5.44
CA SER C 162 -24.97 5.36 4.52
C SER C 162 -26.06 4.60 5.28
N ALA C 163 -25.74 4.25 6.53
CA ALA C 163 -26.70 3.56 7.36
C ALA C 163 -27.89 4.49 7.61
N LEU C 164 -27.60 5.75 7.92
CA LEU C 164 -28.66 6.73 8.18
C LEU C 164 -29.53 6.97 6.95
N VAL C 165 -28.91 7.05 5.78
CA VAL C 165 -29.67 7.26 4.55
C VAL C 165 -30.61 6.07 4.33
N SER C 166 -30.12 4.87 4.65
CA SER C 166 -30.92 3.65 4.50
C SER C 166 -32.08 3.63 5.47
N LEU C 167 -31.83 4.09 6.70
CA LEU C 167 -32.86 4.13 7.72
C LEU C 167 -34.02 5.03 7.28
N LEU C 168 -33.73 6.31 7.05
CA LEU C 168 -34.73 7.28 6.63
C LEU C 168 -35.46 6.81 5.38
N GLN C 169 -34.76 6.03 4.58
CA GLN C 169 -35.30 5.50 3.34
C GLN C 169 -36.26 4.35 3.65
N TYR C 170 -35.97 3.64 4.73
CA TYR C 170 -36.79 2.50 5.13
C TYR C 170 -38.01 2.91 5.95
N ILE C 171 -37.92 4.05 6.65
CA ILE C 171 -39.01 4.51 7.49
C ILE C 171 -39.75 5.71 6.87
N SER C 172 -40.02 5.64 5.58
CA SER C 172 -40.72 6.73 4.91
C SER C 172 -41.76 6.17 3.94
N ASP C 173 -42.70 7.01 3.51
CA ASP C 173 -43.75 6.59 2.57
C ASP C 173 -43.13 6.04 1.30
N THR C 174 -43.50 4.82 0.93
CA THR C 174 -42.96 4.17 -0.27
C THR C 174 -43.70 4.54 -1.54
N GLU C 175 -44.47 5.62 -1.48
CA GLU C 175 -45.24 6.05 -2.65
C GLU C 175 -44.92 7.48 -3.05
N GLU C 176 -44.38 8.26 -2.13
CA GLU C 176 -44.05 9.64 -2.40
C GLU C 176 -42.59 9.97 -2.07
N LYS C 177 -42.21 9.81 -0.81
CA LYS C 177 -40.87 10.11 -0.37
C LYS C 177 -39.79 9.11 -0.80
N LEU C 178 -40.08 7.81 -0.74
CA LEU C 178 -39.08 6.81 -1.11
C LEU C 178 -38.45 7.03 -2.50
N PRO C 179 -39.27 7.02 -3.56
CA PRO C 179 -38.69 7.22 -4.91
C PRO C 179 -38.08 8.61 -5.09
N SER C 180 -38.49 9.55 -4.24
CA SER C 180 -37.96 10.90 -4.32
C SER C 180 -36.54 10.91 -3.74
N ILE C 181 -36.33 10.14 -2.69
CA ILE C 181 -35.02 10.06 -2.06
C ILE C 181 -34.10 9.30 -3.02
N VAL C 182 -34.51 8.09 -3.36
CA VAL C 182 -33.79 7.21 -4.25
C VAL C 182 -33.26 7.86 -5.52
N PHE C 183 -34.10 8.63 -6.21
CA PHE C 183 -33.65 9.24 -7.44
C PHE C 183 -32.91 10.56 -7.30
N TRP C 184 -32.90 11.12 -6.10
CA TRP C 184 -32.13 12.34 -5.88
C TRP C 184 -30.70 11.83 -5.66
N LEU C 185 -30.60 10.72 -4.93
CA LEU C 185 -29.32 10.09 -4.63
C LEU C 185 -28.54 9.74 -5.89
N MET C 186 -29.21 9.25 -6.92
CA MET C 186 -28.47 8.93 -8.12
C MET C 186 -28.37 10.13 -9.05
N GLY C 187 -27.22 10.78 -9.00
CA GLY C 187 -26.93 11.98 -9.78
C GLY C 187 -27.53 12.09 -11.16
N SER C 188 -27.98 13.30 -11.50
CA SER C 188 -28.61 13.56 -12.78
C SER C 188 -28.64 15.05 -13.14
N PHE C 189 -28.61 15.35 -14.43
CA PHE C 189 -28.65 16.73 -14.91
C PHE C 189 -30.04 17.03 -15.49
N ALA C 190 -30.95 16.07 -15.38
CA ALA C 190 -32.30 16.18 -15.89
C ALA C 190 -32.99 17.50 -15.53
N THR C 191 -32.98 17.83 -14.25
CA THR C 191 -33.61 19.05 -13.76
C THR C 191 -32.64 20.21 -13.57
N SER C 192 -31.90 20.55 -14.62
CA SER C 192 -30.92 21.64 -14.54
C SER C 192 -31.51 22.99 -14.99
N ASN C 193 -31.32 24.01 -14.17
CA ASN C 193 -31.82 25.35 -14.46
C ASN C 193 -30.79 26.39 -14.03
N TRP C 194 -30.96 27.63 -14.50
CA TRP C 194 -30.02 28.68 -14.17
C TRP C 194 -29.90 28.93 -12.67
N GLU C 195 -30.98 28.68 -11.93
CA GLU C 195 -30.94 28.88 -10.49
C GLU C 195 -29.83 28.03 -9.91
N LYS C 196 -29.89 26.73 -10.17
CA LYS C 196 -28.90 25.79 -9.67
C LYS C 196 -27.51 26.12 -10.20
N LEU C 197 -27.40 26.28 -11.52
CA LEU C 197 -26.13 26.61 -12.16
C LEU C 197 -25.42 27.79 -11.49
N LEU C 198 -26.12 28.91 -11.34
CA LEU C 198 -25.52 30.09 -10.73
C LEU C 198 -25.22 29.87 -9.25
N PHE C 199 -25.99 28.99 -8.61
CA PHE C 199 -25.74 28.71 -7.20
C PHE C 199 -24.42 27.94 -7.07
N PHE C 200 -24.21 27.00 -7.99
CA PHE C 200 -23.01 26.18 -7.98
C PHE C 200 -21.78 26.95 -8.48
N PHE C 201 -21.97 27.72 -9.54
CA PHE C 201 -20.89 28.49 -10.14
C PHE C 201 -20.13 29.38 -9.18
N VAL C 202 -20.82 29.99 -8.22
CA VAL C 202 -20.13 30.86 -7.27
C VAL C 202 -19.07 30.09 -6.49
N PRO C 203 -19.47 29.02 -5.78
CA PRO C 203 -18.47 28.27 -5.01
C PRO C 203 -17.45 27.64 -5.97
N PHE C 204 -17.94 27.17 -7.11
CA PHE C 204 -17.09 26.55 -8.11
C PHE C 204 -15.93 27.45 -8.51
N LEU C 205 -16.27 28.68 -8.91
CA LEU C 205 -15.26 29.65 -9.33
C LEU C 205 -14.32 30.02 -8.20
N LEU C 206 -14.89 30.23 -7.01
CA LEU C 206 -14.12 30.58 -5.84
C LEU C 206 -13.13 29.46 -5.46
N CYS C 207 -13.63 28.24 -5.37
CA CYS C 207 -12.78 27.09 -5.01
C CYS C 207 -11.71 26.78 -6.05
N SER C 208 -12.10 26.80 -7.33
CA SER C 208 -11.18 26.52 -8.40
C SER C 208 -10.03 27.54 -8.45
N SER C 209 -10.37 28.82 -8.23
CA SER C 209 -9.38 29.87 -8.25
C SER C 209 -8.31 29.69 -7.19
N ILE C 210 -8.72 29.39 -5.98
CA ILE C 210 -7.79 29.19 -4.88
C ILE C 210 -6.91 27.96 -5.16
N LEU C 211 -7.52 26.86 -5.60
CA LEU C 211 -6.76 25.65 -5.88
C LEU C 211 -5.78 25.90 -7.02
N LEU C 212 -6.22 26.61 -8.05
CA LEU C 212 -5.34 26.92 -9.17
C LEU C 212 -4.16 27.79 -8.75
N SER C 213 -4.37 28.66 -7.76
CA SER C 213 -3.30 29.52 -7.31
C SER C 213 -2.33 28.74 -6.41
N LEU C 214 -2.76 27.57 -5.95
CA LEU C 214 -1.93 26.67 -5.11
C LEU C 214 -1.40 25.55 -6.01
N SER C 215 -1.63 25.72 -7.31
CA SER C 215 -1.22 24.77 -8.32
C SER C 215 0.15 24.13 -8.10
N TRP C 216 1.18 24.98 -8.08
CA TRP C 216 2.54 24.50 -7.93
C TRP C 216 2.81 24.00 -6.51
N ARG C 217 2.21 24.65 -5.53
CA ARG C 217 2.43 24.24 -4.15
C ARG C 217 1.93 22.82 -3.90
N LEU C 218 0.97 22.37 -4.71
CA LEU C 218 0.45 21.01 -4.53
C LEU C 218 1.55 19.99 -4.73
N ASN C 219 2.52 20.32 -5.57
CA ASN C 219 3.64 19.40 -5.80
C ASN C 219 4.33 19.06 -4.50
N LEU C 220 4.39 20.04 -3.60
CA LEU C 220 5.04 19.89 -2.30
C LEU C 220 4.35 18.95 -1.33
N LEU C 221 3.06 18.67 -1.56
CA LEU C 221 2.34 17.74 -0.69
C LEU C 221 2.86 16.33 -0.89
N SER C 222 3.72 16.15 -1.90
CA SER C 222 4.29 14.84 -2.22
C SER C 222 5.60 14.60 -1.46
N LEU C 223 6.04 15.59 -0.68
CA LEU C 223 7.27 15.48 0.09
C LEU C 223 7.11 14.74 1.42
N ASP C 224 8.22 14.33 2.01
CA ASP C 224 8.20 13.66 3.29
C ASP C 224 8.48 14.69 4.37
N GLU C 225 8.06 14.39 5.59
CA GLU C 225 8.23 15.26 6.73
C GLU C 225 9.55 16.04 6.78
N LYS C 226 10.67 15.33 6.74
CA LYS C 226 11.97 15.98 6.82
C LYS C 226 12.24 17.03 5.75
N GLU C 227 11.93 16.72 4.49
CA GLU C 227 12.17 17.70 3.42
C GLU C 227 11.21 18.87 3.57
N ALA C 228 9.95 18.54 3.86
CA ALA C 228 8.91 19.57 4.06
C ALA C 228 9.38 20.55 5.13
N LYS C 229 9.91 20.02 6.22
CA LYS C 229 10.39 20.86 7.32
C LYS C 229 11.55 21.72 6.83
N ALA C 230 12.48 21.09 6.11
CA ALA C 230 13.63 21.81 5.58
C ALA C 230 13.17 22.87 4.60
N LEU C 231 12.25 22.50 3.72
CA LEU C 231 11.74 23.43 2.73
C LEU C 231 10.71 24.40 3.30
N GLY C 232 10.58 24.39 4.62
CA GLY C 232 9.66 25.28 5.31
C GLY C 232 8.20 25.17 4.87
N VAL C 233 7.79 23.98 4.48
CA VAL C 233 6.42 23.76 4.03
C VAL C 233 5.52 23.42 5.21
N LYS C 234 4.42 24.17 5.33
CA LYS C 234 3.45 23.93 6.39
C LYS C 234 2.47 22.91 5.87
N MET C 235 2.86 21.65 5.93
CA MET C 235 2.06 20.53 5.43
C MET C 235 0.64 20.48 5.96
N ALA C 236 0.48 20.46 7.28
CA ALA C 236 -0.84 20.38 7.92
C ALA C 236 -1.81 21.43 7.40
N PRO C 237 -1.49 22.72 7.56
CA PRO C 237 -2.38 23.78 7.09
C PRO C 237 -2.76 23.63 5.61
N LEU C 238 -1.75 23.41 4.77
CA LEU C 238 -1.94 23.26 3.33
C LEU C 238 -2.86 22.10 2.99
N ARG C 239 -2.59 20.96 3.62
CA ARG C 239 -3.35 19.74 3.41
C ARG C 239 -4.84 19.94 3.74
N TRP C 240 -5.11 20.55 4.89
CA TRP C 240 -6.48 20.81 5.31
C TRP C 240 -7.17 21.84 4.41
N LEU C 241 -6.43 22.83 3.94
CA LEU C 241 -7.00 23.84 3.05
C LEU C 241 -7.51 23.15 1.79
N VAL C 242 -6.67 22.30 1.22
CA VAL C 242 -7.02 21.56 0.00
C VAL C 242 -8.18 20.59 0.27
N ILE C 243 -8.16 19.92 1.42
CA ILE C 243 -9.25 19.00 1.75
C ILE C 243 -10.58 19.76 1.81
N PHE C 244 -10.58 20.92 2.47
CA PHE C 244 -11.80 21.71 2.59
C PHE C 244 -12.29 22.28 1.27
N LEU C 245 -11.37 22.73 0.43
CA LEU C 245 -11.74 23.28 -0.87
C LEU C 245 -12.28 22.22 -1.81
N SER C 246 -11.67 21.04 -1.82
CA SER C 246 -12.17 19.99 -2.69
C SER C 246 -13.47 19.43 -2.12
N GLY C 247 -13.58 19.42 -0.79
CA GLY C 247 -14.78 18.91 -0.15
C GLY C 247 -15.94 19.86 -0.40
N SER C 248 -15.67 21.15 -0.32
CA SER C 248 -16.69 22.16 -0.54
C SER C 248 -17.22 22.03 -1.97
N LEU C 249 -16.31 21.75 -2.88
CA LEU C 249 -16.64 21.61 -4.28
C LEU C 249 -17.62 20.46 -4.52
N VAL C 250 -17.40 19.35 -3.84
CA VAL C 250 -18.25 18.18 -4.00
C VAL C 250 -19.62 18.36 -3.34
N ALA C 251 -19.63 18.92 -2.13
CA ALA C 251 -20.88 19.15 -1.41
C ALA C 251 -21.80 20.01 -2.26
N CYS C 252 -21.27 21.09 -2.83
CA CYS C 252 -22.08 21.96 -3.67
C CYS C 252 -22.55 21.23 -4.92
N GLN C 253 -21.72 20.31 -5.42
CA GLN C 253 -22.08 19.56 -6.61
C GLN C 253 -23.24 18.61 -6.30
N VAL C 254 -23.15 17.90 -5.19
CA VAL C 254 -24.21 16.97 -4.80
C VAL C 254 -25.51 17.75 -4.65
N ALA C 255 -25.43 18.87 -3.94
CA ALA C 255 -26.56 19.74 -3.68
C ALA C 255 -27.41 20.05 -4.92
N ILE C 256 -26.78 20.20 -6.08
CA ILE C 256 -27.54 20.53 -7.28
C ILE C 256 -27.62 19.43 -8.34
N SER C 257 -27.05 18.26 -8.08
CA SER C 257 -27.09 17.20 -9.08
C SER C 257 -26.98 15.78 -8.55
N GLY C 258 -27.04 15.62 -7.23
CA GLY C 258 -26.96 14.29 -6.66
C GLY C 258 -25.57 13.66 -6.65
N SER C 259 -25.53 12.36 -6.38
CA SER C 259 -24.28 11.62 -6.31
C SER C 259 -23.80 11.12 -7.68
N ILE C 260 -22.66 11.64 -8.12
CA ILE C 260 -22.07 11.25 -9.39
C ILE C 260 -20.65 10.71 -9.17
N GLY C 261 -20.39 9.50 -9.63
CA GLY C 261 -19.07 8.93 -9.43
C GLY C 261 -18.32 8.58 -10.71
N TRP C 262 -17.21 7.86 -10.53
CA TRP C 262 -16.37 7.43 -11.64
C TRP C 262 -15.86 8.55 -12.54
N VAL C 263 -15.70 9.75 -11.98
CA VAL C 263 -15.19 10.85 -12.78
C VAL C 263 -13.83 11.30 -12.25
N GLY C 264 -13.80 11.72 -10.99
CA GLY C 264 -12.56 12.18 -10.39
C GLY C 264 -11.49 11.12 -10.30
N LEU C 265 -11.84 9.88 -10.61
CA LEU C 265 -10.89 8.79 -10.55
C LEU C 265 -10.16 8.56 -11.87
N ILE C 266 -10.84 8.77 -12.98
CA ILE C 266 -10.22 8.52 -14.28
C ILE C 266 -9.66 9.74 -15.00
N ILE C 267 -10.29 10.90 -14.81
CA ILE C 267 -9.87 12.12 -15.48
C ILE C 267 -8.44 12.58 -15.18
N PRO C 268 -8.01 12.56 -13.90
CA PRO C 268 -6.64 13.00 -13.62
C PRO C 268 -5.61 12.14 -14.35
N HIS C 269 -5.88 10.84 -14.46
CA HIS C 269 -4.97 9.94 -15.18
C HIS C 269 -4.88 10.33 -16.65
N LEU C 270 -6.03 10.59 -17.29
CA LEU C 270 -6.03 10.99 -18.69
C LEU C 270 -5.28 12.31 -18.84
N SER C 271 -5.54 13.24 -17.92
CA SER C 271 -4.90 14.54 -17.95
C SER C 271 -3.40 14.38 -17.78
N ARG C 272 -3.04 13.45 -16.91
CA ARG C 272 -1.65 13.10 -16.60
C ARG C 272 -0.94 12.64 -17.87
N MET C 273 -1.63 11.83 -18.67
CA MET C 273 -1.07 11.33 -19.93
C MET C 273 -0.88 12.46 -20.93
N LEU C 274 -1.64 13.54 -20.76
CA LEU C 274 -1.56 14.67 -21.66
C LEU C 274 -0.47 15.68 -21.31
N VAL C 275 -0.44 16.12 -20.06
CA VAL C 275 0.54 17.13 -19.67
C VAL C 275 1.52 16.76 -18.57
N GLY C 276 1.46 15.52 -18.07
CA GLY C 276 2.40 15.15 -17.02
C GLY C 276 1.92 15.31 -15.59
N ALA C 277 2.86 15.11 -14.65
CA ALA C 277 2.60 15.16 -13.22
C ALA C 277 2.66 16.52 -12.52
N ASN C 278 3.36 17.49 -13.11
CA ASN C 278 3.46 18.82 -12.49
C ASN C 278 2.04 19.38 -12.31
N HIS C 279 1.62 19.58 -11.06
CA HIS C 279 0.27 20.08 -10.80
C HIS C 279 -0.05 21.45 -11.38
N GLN C 280 0.98 22.27 -11.57
CA GLN C 280 0.80 23.61 -12.11
C GLN C 280 0.08 23.55 -13.46
N SER C 281 0.42 22.54 -14.25
CA SER C 281 -0.23 22.42 -15.54
C SER C 281 -1.27 21.31 -15.54
N LEU C 282 -1.20 20.42 -14.55
CA LEU C 282 -2.14 19.31 -14.43
C LEU C 282 -3.55 19.77 -14.09
N LEU C 283 -3.68 20.67 -13.12
CA LEU C 283 -5.00 21.15 -12.68
C LEU C 283 -5.86 21.75 -13.79
N PRO C 284 -5.34 22.77 -14.51
CA PRO C 284 -6.19 23.33 -15.57
C PRO C 284 -6.54 22.32 -16.66
N CYS C 285 -5.59 21.45 -16.98
CA CYS C 285 -5.84 20.44 -17.99
C CYS C 285 -6.92 19.47 -17.50
N THR C 286 -6.87 19.15 -16.21
CA THR C 286 -7.82 18.23 -15.60
C THR C 286 -9.23 18.84 -15.62
N MET C 287 -9.31 20.13 -15.32
CA MET C 287 -10.60 20.82 -15.36
C MET C 287 -11.19 20.80 -16.77
N LEU C 288 -10.37 21.06 -17.78
CA LEU C 288 -10.85 21.06 -19.17
C LEU C 288 -11.27 19.68 -19.65
N VAL C 289 -10.46 18.67 -19.32
CA VAL C 289 -10.76 17.31 -19.70
C VAL C 289 -12.03 16.82 -18.99
N GLY C 290 -12.15 17.17 -17.72
CA GLY C 290 -13.31 16.77 -16.95
C GLY C 290 -14.60 17.41 -17.46
N ALA C 291 -14.55 18.70 -17.76
CA ALA C 291 -15.72 19.42 -18.26
C ALA C 291 -16.20 18.78 -19.56
N THR C 292 -15.29 18.60 -20.50
CA THR C 292 -15.62 18.01 -21.78
C THR C 292 -16.10 16.57 -21.65
N TYR C 293 -15.52 15.82 -20.72
CA TYR C 293 -15.93 14.44 -20.51
C TYR C 293 -17.38 14.34 -20.01
N MET C 294 -17.74 15.16 -19.03
CA MET C 294 -19.09 15.17 -18.50
C MET C 294 -20.10 15.56 -19.57
N LEU C 295 -19.82 16.63 -20.29
CA LEU C 295 -20.70 17.08 -21.34
C LEU C 295 -20.84 15.93 -22.34
N LEU C 296 -19.73 15.25 -22.58
CA LEU C 296 -19.67 14.14 -23.51
C LEU C 296 -20.56 12.98 -23.07
N VAL C 297 -20.52 12.66 -21.78
CA VAL C 297 -21.33 11.56 -21.25
C VAL C 297 -22.81 11.95 -21.24
N ASP C 298 -23.09 13.22 -20.95
CA ASP C 298 -24.47 13.70 -20.92
C ASP C 298 -25.11 13.52 -22.31
N ASN C 299 -24.36 13.90 -23.35
CA ASN C 299 -24.85 13.78 -24.72
C ASN C 299 -25.13 12.32 -25.07
N VAL C 300 -24.33 11.41 -24.53
CA VAL C 300 -24.52 10.00 -24.79
C VAL C 300 -25.84 9.57 -24.17
N ALA C 301 -26.13 10.16 -23.01
CA ALA C 301 -27.37 9.86 -22.28
C ALA C 301 -28.58 10.34 -23.06
N ARG C 302 -28.60 11.64 -23.35
CA ARG C 302 -29.68 12.28 -24.07
C ARG C 302 -29.95 11.68 -25.45
N SER C 303 -28.90 11.18 -26.10
CA SER C 303 -29.05 10.59 -27.42
C SER C 303 -29.49 9.13 -27.38
N LEU C 304 -29.12 8.40 -26.32
CA LEU C 304 -29.50 7.00 -26.19
C LEU C 304 -30.99 6.80 -25.90
N SER C 305 -31.61 7.78 -25.25
CA SER C 305 -33.01 7.68 -24.90
C SER C 305 -33.55 8.97 -24.31
N ASP C 306 -34.85 9.19 -24.46
CA ASP C 306 -35.50 10.38 -23.94
C ASP C 306 -36.03 10.06 -22.55
N ALA C 307 -35.69 8.88 -22.03
CA ALA C 307 -36.15 8.46 -20.71
C ALA C 307 -35.41 9.14 -19.56
N GLU C 308 -34.46 10.01 -19.89
CA GLU C 308 -33.70 10.71 -18.87
C GLU C 308 -32.97 9.76 -17.91
N ILE C 309 -32.18 8.87 -18.46
CA ILE C 309 -31.41 7.94 -17.64
C ILE C 309 -30.44 8.79 -16.80
N PRO C 310 -30.49 8.67 -15.47
CA PRO C 310 -29.58 9.48 -14.67
C PRO C 310 -28.11 9.28 -15.07
N ILE C 311 -27.42 10.41 -15.25
CA ILE C 311 -26.02 10.42 -15.68
C ILE C 311 -25.09 9.58 -14.80
N SER C 312 -25.42 9.43 -13.53
CA SER C 312 -24.61 8.64 -12.63
C SER C 312 -24.53 7.18 -13.12
N ILE C 313 -25.60 6.70 -13.73
CA ILE C 313 -25.59 5.33 -14.25
C ILE C 313 -24.58 5.25 -15.39
N LEU C 314 -24.57 6.26 -16.27
CA LEU C 314 -23.68 6.25 -17.42
C LEU C 314 -22.20 6.51 -17.11
N THR C 315 -21.90 7.33 -16.11
CA THR C 315 -20.50 7.58 -15.79
C THR C 315 -19.87 6.29 -15.27
N ALA C 316 -20.69 5.43 -14.70
CA ALA C 316 -20.21 4.14 -14.19
C ALA C 316 -20.09 3.11 -15.30
N LEU C 317 -21.08 3.08 -16.21
CA LEU C 317 -21.06 2.13 -17.31
C LEU C 317 -19.95 2.45 -18.30
N ILE C 318 -19.69 3.74 -18.49
CA ILE C 318 -18.63 4.16 -19.38
C ILE C 318 -17.33 4.19 -18.59
N GLY C 319 -17.40 4.75 -17.38
CA GLY C 319 -16.24 4.88 -16.53
C GLY C 319 -15.50 3.65 -16.04
N ALA C 320 -16.21 2.67 -15.52
CA ALA C 320 -15.57 1.46 -15.01
C ALA C 320 -14.74 0.75 -16.09
N PRO C 321 -15.33 0.47 -17.27
CA PRO C 321 -14.55 -0.19 -18.31
C PRO C 321 -13.42 0.68 -18.86
N LEU C 322 -13.62 2.00 -18.87
CA LEU C 322 -12.59 2.91 -19.34
C LEU C 322 -11.41 2.87 -18.37
N PHE C 323 -11.72 2.73 -17.09
CA PHE C 323 -10.70 2.65 -16.05
C PHE C 323 -9.90 1.37 -16.31
N GLY C 324 -10.59 0.33 -16.76
CA GLY C 324 -9.94 -0.93 -17.05
C GLY C 324 -8.93 -0.80 -18.18
N VAL C 325 -9.35 -0.21 -19.30
CA VAL C 325 -8.45 -0.03 -20.43
C VAL C 325 -7.27 0.85 -20.02
N LEU C 326 -7.52 1.80 -19.13
CA LEU C 326 -6.47 2.68 -18.65
C LEU C 326 -5.45 1.91 -17.83
N VAL C 327 -5.93 1.06 -16.92
CA VAL C 327 -5.04 0.27 -16.08
C VAL C 327 -4.33 -0.77 -16.94
N TYR C 328 -5.00 -1.18 -18.02
CA TYR C 328 -4.41 -2.14 -18.94
C TYR C 328 -3.24 -1.43 -19.60
N LYS C 329 -3.10 -0.15 -19.25
CA LYS C 329 -2.04 0.73 -19.75
C LYS C 329 -2.09 1.11 -21.21
N LEU C 330 -1.21 2.03 -21.59
CA LEU C 330 -1.12 2.52 -22.97
C LEU C 330 0.30 2.27 -23.49
N MET D 1 31.11 34.97 12.72
CA MET D 1 31.37 33.77 13.57
C MET D 1 31.77 32.61 12.67
N ASN D 2 32.56 31.70 13.22
CA ASN D 2 33.03 30.55 12.45
C ASN D 2 32.15 29.31 12.68
N LYS D 3 31.21 29.40 13.61
CA LYS D 3 30.32 28.30 13.92
C LYS D 3 29.16 28.13 12.96
N ALA D 4 28.80 26.88 12.68
CA ALA D 4 27.69 26.55 11.79
C ALA D 4 26.56 26.03 12.64
N LEU D 5 26.92 25.33 13.72
CA LEU D 5 25.93 24.77 14.62
C LEU D 5 26.61 24.27 15.86
N SER D 6 25.83 24.08 16.92
CA SER D 6 26.34 23.58 18.18
C SER D 6 25.21 22.89 18.92
N VAL D 7 25.53 21.78 19.59
CA VAL D 7 24.51 21.07 20.35
C VAL D 7 25.06 20.93 21.77
N GLU D 8 24.20 21.18 22.74
CA GLU D 8 24.60 21.15 24.14
C GLU D 8 23.78 20.18 24.98
N ASN D 9 24.48 19.34 25.75
CA ASN D 9 23.84 18.37 26.63
C ASN D 9 22.58 17.77 26.04
N LEU D 10 22.59 17.51 24.75
CA LEU D 10 21.42 16.96 24.07
C LEU D 10 21.03 15.57 24.54
N GLY D 11 19.75 15.41 24.87
CA GLY D 11 19.24 14.13 25.31
C GLY D 11 17.87 13.92 24.69
N PHE D 12 17.57 12.70 24.25
CA PHE D 12 16.27 12.45 23.62
C PHE D 12 15.85 10.99 23.61
N TYR D 13 14.53 10.79 23.60
CA TYR D 13 13.92 9.47 23.55
C TYR D 13 12.56 9.61 22.90
N TYR D 14 12.10 8.57 22.20
CA TYR D 14 10.80 8.62 21.54
C TYR D 14 9.67 8.29 22.50
N GLN D 15 9.88 7.28 23.33
CA GLN D 15 8.86 6.86 24.29
C GLN D 15 9.44 6.64 25.69
N ALA D 16 10.57 5.93 25.76
CA ALA D 16 11.23 5.65 27.04
C ALA D 16 11.41 6.92 27.86
N PHE D 21 20.49 8.46 23.14
CA PHE D 21 21.64 9.18 23.70
C PHE D 21 21.27 10.16 24.81
N GLN D 22 22.30 10.68 25.48
CA GLN D 22 22.13 11.62 26.58
C GLN D 22 23.46 12.37 26.78
N GLN D 23 23.38 13.63 27.21
CA GLN D 23 24.58 14.44 27.42
C GLN D 23 25.47 14.56 26.18
N LEU D 24 24.84 14.68 25.01
CA LEU D 24 25.59 14.78 23.76
C LEU D 24 26.03 16.21 23.49
N ASN D 25 27.32 16.41 23.23
CA ASN D 25 27.86 17.73 22.96
C ASN D 25 28.81 17.76 21.77
N PHE D 26 28.65 18.76 20.92
CA PHE D 26 29.53 18.96 19.79
C PHE D 26 29.13 20.20 19.02
N ASP D 27 30.07 20.76 18.28
CA ASP D 27 29.80 21.93 17.47
C ASP D 27 30.60 21.87 16.18
N LEU D 28 30.09 22.54 15.17
CA LEU D 28 30.75 22.54 13.87
C LEU D 28 31.03 23.94 13.39
N ASN D 29 32.11 24.07 12.62
CA ASN D 29 32.49 25.34 12.06
C ASN D 29 32.10 25.31 10.59
N LYS D 30 31.92 26.48 10.00
CA LYS D 30 31.56 26.54 8.60
C LYS D 30 32.63 25.82 7.79
N GLY D 31 32.21 25.08 6.77
CA GLY D 31 33.18 24.37 5.94
C GLY D 31 33.58 23.01 6.45
N ASP D 32 33.10 22.63 7.61
CA ASP D 32 33.42 21.32 8.18
C ASP D 32 32.58 20.22 7.50
N ILE D 33 33.11 18.99 7.52
CA ILE D 33 32.36 17.85 7.01
C ILE D 33 32.23 16.91 8.21
N LEU D 34 31.00 16.74 8.69
CA LEU D 34 30.74 15.87 9.83
C LEU D 34 30.11 14.57 9.36
N ALA D 35 30.68 13.46 9.79
CA ALA D 35 30.12 12.16 9.47
C ALA D 35 29.62 11.58 10.80
N VAL D 36 28.35 11.20 10.81
CA VAL D 36 27.77 10.57 11.99
C VAL D 36 27.83 9.08 11.65
N LEU D 37 28.81 8.40 12.23
CA LEU D 37 29.05 6.97 11.97
C LEU D 37 28.29 6.08 12.93
N GLY D 38 27.55 5.12 12.37
CA GLY D 38 26.79 4.20 13.19
C GLY D 38 26.05 3.18 12.37
N GLN D 39 25.41 2.22 13.04
CA GLN D 39 24.65 1.19 12.34
C GLN D 39 23.17 1.50 12.46
N ASN D 40 22.38 0.97 11.53
CA ASN D 40 20.93 1.21 11.50
C ASN D 40 20.22 1.12 12.84
N GLY D 41 19.32 2.08 13.07
CA GLY D 41 18.54 2.12 14.30
C GLY D 41 19.34 2.40 15.56
N CYS D 42 20.54 2.92 15.40
CA CYS D 42 21.37 3.21 16.55
C CYS D 42 21.50 4.70 16.89
N GLY D 43 20.55 5.50 16.43
CA GLY D 43 20.57 6.92 16.75
C GLY D 43 20.74 7.96 15.65
N LYS D 44 21.71 7.75 14.75
CA LYS D 44 22.01 8.70 13.68
C LYS D 44 20.82 9.27 12.90
N SER D 45 19.83 8.45 12.61
CA SER D 45 18.67 8.95 11.89
C SER D 45 17.89 9.97 12.73
N THR D 46 17.62 9.62 13.98
CA THR D 46 16.88 10.52 14.89
C THR D 46 17.65 11.82 15.15
N LEU D 47 18.97 11.75 15.13
CA LEU D 47 19.81 12.92 15.33
C LEU D 47 19.51 13.94 14.24
N LEU D 48 19.42 13.48 12.98
CA LEU D 48 19.14 14.39 11.86
C LEU D 48 17.79 15.06 12.05
N ASP D 49 16.82 14.29 12.54
CA ASP D 49 15.48 14.83 12.78
C ASP D 49 15.58 15.97 13.79
N LEU D 50 16.45 15.82 14.77
CA LEU D 50 16.64 16.85 15.81
C LEU D 50 17.34 18.08 15.25
N LEU D 51 18.33 17.86 14.40
CA LEU D 51 19.07 18.97 13.81
C LEU D 51 18.17 19.78 12.89
N LEU D 52 17.15 19.14 12.31
CA LEU D 52 16.22 19.82 11.43
C LEU D 52 15.14 20.53 12.23
N GLY D 53 14.90 20.04 13.44
CA GLY D 53 13.89 20.64 14.29
C GLY D 53 12.55 19.95 14.19
N ILE D 54 12.53 18.76 13.59
CA ILE D 54 11.28 18.00 13.46
C ILE D 54 10.77 17.59 14.83
N HIS D 55 11.69 17.42 15.78
CA HIS D 55 11.34 17.03 17.14
C HIS D 55 12.03 17.91 18.17
N ARG D 56 11.32 18.15 19.27
CA ARG D 56 11.84 18.96 20.36
C ARG D 56 12.72 18.11 21.26
N PRO D 57 13.94 18.59 21.58
CA PRO D 57 14.88 17.86 22.43
C PRO D 57 14.30 17.69 23.85
N ILE D 58 14.51 16.52 24.45
CA ILE D 58 14.01 16.31 25.80
C ILE D 58 14.95 17.01 26.79
N GLN D 59 16.24 17.00 26.46
CA GLN D 59 17.25 17.66 27.28
C GLN D 59 18.26 18.35 26.36
N GLY D 60 18.85 19.45 26.85
CA GLY D 60 19.82 20.17 26.06
C GLY D 60 19.19 21.12 25.06
N LYS D 61 19.98 21.53 24.07
CA LYS D 61 19.50 22.44 23.04
C LYS D 61 20.39 22.39 21.79
N ILE D 62 19.81 22.76 20.66
CA ILE D 62 20.51 22.76 19.39
C ILE D 62 20.42 24.14 18.75
N GLU D 63 21.55 24.65 18.31
CA GLU D 63 21.60 25.96 17.68
C GLU D 63 22.18 25.84 16.27
N VAL D 64 21.46 26.37 15.29
CA VAL D 64 21.88 26.33 13.91
C VAL D 64 22.13 27.75 13.43
N TYR D 65 23.32 28.02 12.94
CA TYR D 65 23.67 29.37 12.50
C TYR D 65 23.72 29.58 10.99
N GLN D 66 23.14 28.64 10.25
CA GLN D 66 23.11 28.74 8.80
C GLN D 66 21.82 28.12 8.25
N SER D 67 21.42 28.55 7.06
CA SER D 67 20.23 28.01 6.43
C SER D 67 20.49 26.52 6.17
N ILE D 68 19.51 25.68 6.50
CA ILE D 68 19.64 24.24 6.35
C ILE D 68 18.92 23.67 5.13
N GLY D 69 19.56 22.70 4.50
CA GLY D 69 18.99 22.03 3.35
C GLY D 69 19.02 20.55 3.73
N PHE D 70 18.05 19.77 3.27
CA PHE D 70 18.04 18.36 3.61
C PHE D 70 17.97 17.43 2.42
N VAL D 71 18.72 16.33 2.49
CA VAL D 71 18.71 15.33 1.43
C VAL D 71 18.33 13.97 1.99
N PRO D 72 17.12 13.49 1.69
CA PRO D 72 16.67 12.18 2.19
C PRO D 72 17.36 11.07 1.38
N GLN D 73 17.32 9.84 1.87
CA GLN D 73 17.97 8.76 1.15
C GLN D 73 17.24 8.45 -0.15
N PHE D 74 15.91 8.57 -0.12
CA PHE D 74 15.08 8.29 -1.28
C PHE D 74 13.96 9.28 -1.43
N PHE D 75 13.40 9.30 -2.63
CA PHE D 75 12.25 10.11 -2.94
C PHE D 75 11.28 9.20 -3.69
N SER D 76 10.18 8.84 -3.06
CA SER D 76 9.19 7.96 -3.69
C SER D 76 7.88 8.69 -3.96
N SER D 77 7.42 8.59 -5.20
CA SER D 77 6.16 9.20 -5.58
C SER D 77 5.55 8.43 -6.73
N PRO D 78 4.24 8.13 -6.64
CA PRO D 78 3.60 7.38 -7.73
C PRO D 78 3.50 8.29 -8.97
N PHE D 79 3.76 9.58 -8.76
CA PHE D 79 3.70 10.58 -9.84
C PHE D 79 5.03 10.73 -10.57
N ALA D 80 4.97 10.66 -11.89
CA ALA D 80 6.17 10.76 -12.73
C ALA D 80 6.70 12.18 -12.88
N TYR D 81 7.09 12.80 -11.78
CA TYR D 81 7.66 14.14 -11.83
C TYR D 81 8.98 14.08 -12.61
N SER D 82 9.30 15.16 -13.30
CA SER D 82 10.56 15.27 -14.05
C SER D 82 11.68 15.71 -13.09
N VAL D 83 12.91 15.58 -13.54
CA VAL D 83 14.08 16.00 -12.78
C VAL D 83 13.91 17.48 -12.39
N LEU D 84 13.56 18.31 -13.36
CA LEU D 84 13.37 19.72 -13.07
C LEU D 84 12.25 19.98 -12.06
N ASP D 85 11.14 19.23 -12.15
CA ASP D 85 10.02 19.40 -11.20
C ASP D 85 10.57 19.18 -9.79
N ILE D 86 11.35 18.11 -9.61
CA ILE D 86 11.92 17.79 -8.31
C ILE D 86 12.90 18.83 -7.78
N VAL D 87 13.84 19.28 -8.63
CA VAL D 87 14.82 20.29 -8.22
C VAL D 87 14.13 21.61 -7.89
N LEU D 88 13.12 21.95 -8.68
CA LEU D 88 12.39 23.22 -8.47
C LEU D 88 11.68 23.30 -7.12
N MET D 89 11.35 22.15 -6.53
CA MET D 89 10.68 22.16 -5.24
C MET D 89 11.59 22.80 -4.21
N GLY D 90 12.89 22.79 -4.50
CA GLY D 90 13.84 23.40 -3.58
C GLY D 90 13.68 24.91 -3.49
N ARG D 91 12.93 25.50 -4.42
CA ARG D 91 12.68 26.95 -4.45
C ARG D 91 11.49 27.30 -3.56
N SER D 92 10.98 26.29 -2.88
CA SER D 92 9.84 26.44 -1.99
C SER D 92 9.79 27.71 -1.13
N THR D 93 10.86 27.98 -0.38
CA THR D 93 10.87 29.16 0.50
C THR D 93 11.09 30.49 -0.23
N HIS D 94 11.30 30.44 -1.54
CA HIS D 94 11.51 31.66 -2.31
C HIS D 94 10.28 31.99 -3.13
N ILE D 95 9.26 31.16 -2.99
CA ILE D 95 8.01 31.33 -3.72
C ILE D 95 6.88 31.42 -2.69
N ASN D 96 6.11 32.50 -2.75
CA ASN D 96 5.01 32.68 -1.82
C ASN D 96 3.94 31.58 -1.96
N THR D 97 3.27 31.27 -0.85
CA THR D 97 2.24 30.25 -0.80
C THR D 97 1.32 30.19 -2.02
N PHE D 98 0.77 31.32 -2.44
CA PHE D 98 -0.15 31.30 -3.58
C PHE D 98 0.45 31.79 -4.88
N ALA D 99 1.77 31.91 -4.91
CA ALA D 99 2.45 32.36 -6.13
C ALA D 99 3.03 31.19 -6.90
N LYS D 100 3.42 31.46 -8.13
CA LYS D 100 4.01 30.46 -9.01
C LYS D 100 5.51 30.74 -9.15
N PRO D 101 6.31 29.71 -9.53
CA PRO D 101 7.74 30.01 -9.68
C PRO D 101 7.99 30.99 -10.81
N LYS D 102 8.96 31.88 -10.63
CA LYS D 102 9.30 32.88 -11.65
C LYS D 102 10.56 32.46 -12.39
N SER D 103 10.97 33.25 -13.38
CA SER D 103 12.17 32.95 -14.18
C SER D 103 13.40 32.66 -13.34
N HIS D 104 13.63 33.50 -12.34
CA HIS D 104 14.76 33.32 -11.48
C HIS D 104 14.78 31.93 -10.85
N ASP D 105 13.62 31.44 -10.45
CA ASP D 105 13.53 30.10 -9.83
C ASP D 105 13.98 29.01 -10.79
N TYR D 106 13.61 29.11 -12.05
CA TYR D 106 14.04 28.11 -13.01
C TYR D 106 15.55 28.24 -13.28
N GLN D 107 16.06 29.46 -13.23
CA GLN D 107 17.47 29.73 -13.46
C GLN D 107 18.35 29.11 -12.39
N VAL D 108 17.93 29.26 -11.14
CA VAL D 108 18.69 28.70 -10.05
C VAL D 108 18.64 27.17 -10.07
N ALA D 109 17.46 26.61 -10.34
CA ALA D 109 17.32 25.16 -10.41
C ALA D 109 18.25 24.66 -11.53
N MET D 110 18.22 25.34 -12.67
CA MET D 110 19.08 24.98 -13.80
C MET D 110 20.56 25.13 -13.41
N GLN D 111 20.85 26.14 -12.61
CA GLN D 111 22.22 26.40 -12.16
C GLN D 111 22.72 25.24 -11.30
N ALA D 112 21.83 24.68 -10.49
CA ALA D 112 22.20 23.56 -9.64
C ALA D 112 22.47 22.31 -10.50
N LEU D 113 21.65 22.10 -11.54
CA LEU D 113 21.86 20.96 -12.42
C LEU D 113 23.18 21.14 -13.19
N ASP D 114 23.45 22.38 -13.61
CA ASP D 114 24.69 22.70 -14.34
C ASP D 114 25.89 22.33 -13.49
N TYR D 115 25.87 22.74 -12.23
CA TYR D 115 26.96 22.47 -11.32
C TYR D 115 27.27 20.98 -11.17
N LEU D 116 26.24 20.14 -11.19
CA LEU D 116 26.44 18.70 -11.09
C LEU D 116 26.62 18.08 -12.49
N ASN D 117 26.53 18.91 -13.52
CA ASN D 117 26.65 18.43 -14.90
C ASN D 117 25.52 17.42 -15.22
N LEU D 118 24.33 17.67 -14.69
CA LEU D 118 23.19 16.78 -14.91
C LEU D 118 22.04 17.46 -15.66
N THR D 119 22.32 18.66 -16.18
CA THR D 119 21.35 19.44 -16.92
C THR D 119 20.66 18.68 -18.08
N HIS D 120 21.36 17.75 -18.71
CA HIS D 120 20.78 17.00 -19.83
C HIS D 120 19.62 16.09 -19.39
N LEU D 121 19.49 15.89 -18.08
CA LEU D 121 18.45 15.04 -17.52
C LEU D 121 17.21 15.85 -17.10
N ALA D 122 17.26 17.17 -17.28
CA ALA D 122 16.17 18.06 -16.84
C ALA D 122 14.74 17.64 -17.18
N LYS D 123 14.51 17.14 -18.40
CA LYS D 123 13.16 16.74 -18.78
C LYS D 123 12.87 15.27 -18.56
N ARG D 124 13.84 14.53 -18.02
CA ARG D 124 13.63 13.10 -17.77
C ARG D 124 12.74 12.85 -16.56
N GLU D 125 12.09 11.69 -16.57
CA GLU D 125 11.25 11.31 -15.44
C GLU D 125 12.22 10.82 -14.37
N PHE D 126 12.13 11.41 -13.20
CA PHE D 126 12.99 11.07 -12.09
C PHE D 126 13.10 9.56 -11.84
N THR D 127 11.98 8.83 -11.89
CA THR D 127 12.02 7.39 -11.65
C THR D 127 12.74 6.57 -12.72
N SER D 128 13.04 7.17 -13.87
CA SER D 128 13.74 6.43 -14.92
C SER D 128 15.26 6.53 -14.74
N LEU D 129 15.69 7.27 -13.71
CA LEU D 129 17.12 7.43 -13.45
C LEU D 129 17.69 6.32 -12.58
N SER D 130 19.01 6.19 -12.58
CA SER D 130 19.67 5.20 -11.75
C SER D 130 19.62 5.74 -10.32
N GLY D 131 19.95 4.89 -9.35
CA GLY D 131 19.96 5.30 -7.96
C GLY D 131 20.95 6.44 -7.73
N GLY D 132 22.08 6.38 -8.43
CA GLY D 132 23.10 7.41 -8.29
C GLY D 132 22.62 8.77 -8.77
N GLN D 133 21.98 8.79 -9.93
CA GLN D 133 21.47 10.03 -10.50
C GLN D 133 20.35 10.60 -9.62
N ARG D 134 19.49 9.72 -9.12
CA ARG D 134 18.39 10.15 -8.26
C ARG D 134 18.93 10.82 -7.00
N GLN D 135 19.95 10.22 -6.40
CA GLN D 135 20.55 10.78 -5.20
C GLN D 135 21.17 12.15 -5.50
N LEU D 136 21.87 12.28 -6.64
CA LEU D 136 22.48 13.54 -7.04
C LEU D 136 21.40 14.60 -7.30
N ILE D 137 20.29 14.21 -7.91
CA ILE D 137 19.21 15.16 -8.16
C ILE D 137 18.63 15.67 -6.84
N LEU D 138 18.57 14.81 -5.82
CA LEU D 138 18.02 15.26 -4.53
C LEU D 138 19.01 16.22 -3.85
N ILE D 139 20.29 16.09 -4.16
CA ILE D 139 21.29 17.00 -3.60
C ILE D 139 21.10 18.34 -4.33
N ALA D 140 20.87 18.29 -5.63
CA ALA D 140 20.65 19.49 -6.43
C ALA D 140 19.43 20.26 -5.90
N ARG D 141 18.41 19.52 -5.47
CA ARG D 141 17.22 20.15 -4.92
C ARG D 141 17.60 20.96 -3.66
N ALA D 142 18.44 20.39 -2.80
CA ALA D 142 18.89 21.11 -1.59
C ALA D 142 19.72 22.33 -2.01
N ILE D 143 20.56 22.15 -3.03
CA ILE D 143 21.40 23.25 -3.51
C ILE D 143 20.54 24.38 -4.07
N ALA D 144 19.49 24.04 -4.81
CA ALA D 144 18.62 25.05 -5.39
C ALA D 144 17.94 25.88 -4.30
N SER D 145 17.83 25.34 -3.08
CA SER D 145 17.20 26.08 -1.99
C SER D 145 18.16 27.13 -1.42
N GLU D 146 19.43 27.05 -1.81
CA GLU D 146 20.45 28.00 -1.38
C GLU D 146 20.91 27.84 0.07
N CYS D 147 20.79 26.64 0.62
CA CYS D 147 21.22 26.39 2.00
C CYS D 147 22.75 26.43 2.07
N LYS D 148 23.30 26.66 3.27
CA LYS D 148 24.75 26.70 3.47
C LYS D 148 25.18 25.50 4.31
N LEU D 149 24.22 24.93 5.02
CA LEU D 149 24.46 23.75 5.85
C LEU D 149 23.57 22.66 5.26
N ILE D 150 24.20 21.63 4.70
CA ILE D 150 23.44 20.55 4.09
C ILE D 150 23.52 19.25 4.91
N LEU D 151 22.36 18.69 5.21
CA LEU D 151 22.25 17.45 5.99
C LEU D 151 21.82 16.33 5.05
N LEU D 152 22.59 15.25 5.02
CA LEU D 152 22.29 14.12 4.15
C LEU D 152 22.14 12.81 4.91
N ASP D 153 21.01 12.15 4.68
CA ASP D 153 20.69 10.87 5.31
C ASP D 153 21.17 9.70 4.45
N GLU D 154 22.21 9.00 4.89
CA GLU D 154 22.76 7.84 4.18
C GLU D 154 22.86 8.06 2.67
N PRO D 155 23.58 9.11 2.24
CA PRO D 155 23.72 9.41 0.81
C PRO D 155 24.42 8.38 -0.08
N THR D 156 25.20 7.49 0.49
CA THR D 156 25.92 6.50 -0.31
C THR D 156 25.49 5.04 -0.12
N SER D 157 24.74 4.78 0.94
CA SER D 157 24.33 3.41 1.28
C SER D 157 23.75 2.51 0.22
N ALA D 158 22.82 3.03 -0.58
CA ALA D 158 22.18 2.21 -1.60
C ALA D 158 22.75 2.35 -3.02
N LEU D 159 23.83 3.13 -3.17
CA LEU D 159 24.42 3.35 -4.49
C LEU D 159 25.51 2.35 -4.81
N ASP D 160 25.79 2.14 -6.10
CA ASP D 160 26.90 1.25 -6.40
C ASP D 160 28.15 2.08 -6.14
N LEU D 161 29.29 1.41 -5.98
CA LEU D 161 30.55 2.07 -5.66
C LEU D 161 30.94 3.28 -6.50
N ALA D 162 30.82 3.18 -7.82
CA ALA D 162 31.20 4.29 -8.68
C ALA D 162 30.35 5.53 -8.39
N ASN D 163 29.09 5.33 -8.03
CA ASN D 163 28.23 6.47 -7.73
C ASN D 163 28.51 6.98 -6.33
N GLN D 164 28.89 6.08 -5.43
CA GLN D 164 29.25 6.47 -4.07
C GLN D 164 30.46 7.40 -4.19
N ASP D 165 31.39 7.02 -5.07
CA ASP D 165 32.59 7.80 -5.31
C ASP D 165 32.21 9.22 -5.77
N ILE D 166 31.29 9.32 -6.71
CA ILE D 166 30.85 10.62 -7.21
C ILE D 166 30.23 11.49 -6.11
N VAL D 167 29.46 10.87 -5.23
CA VAL D 167 28.84 11.59 -4.14
C VAL D 167 29.89 12.10 -3.15
N LEU D 168 30.85 11.24 -2.80
CA LEU D 168 31.91 11.62 -1.87
C LEU D 168 32.72 12.81 -2.39
N SER D 169 33.09 12.76 -3.66
CA SER D 169 33.85 13.85 -4.27
C SER D 169 33.02 15.14 -4.31
N LEU D 170 31.70 15.00 -4.47
CA LEU D 170 30.83 16.18 -4.52
C LEU D 170 30.71 16.85 -3.17
N LEU D 171 30.55 16.05 -2.11
CA LEU D 171 30.40 16.59 -0.77
C LEU D 171 31.64 17.38 -0.34
N ILE D 172 32.82 16.84 -0.62
CA ILE D 172 34.04 17.52 -0.26
C ILE D 172 34.14 18.82 -1.08
N ASP D 173 33.68 18.77 -2.34
CA ASP D 173 33.70 19.96 -3.18
C ASP D 173 32.74 21.03 -2.67
N LEU D 174 31.58 20.62 -2.14
CA LEU D 174 30.62 21.58 -1.62
C LEU D 174 31.23 22.34 -0.43
N ALA D 175 31.92 21.59 0.43
CA ALA D 175 32.55 22.18 1.61
C ALA D 175 33.79 23.00 1.27
N GLN D 176 34.66 22.44 0.43
CA GLN D 176 35.91 23.12 0.08
C GLN D 176 35.83 24.30 -0.88
N SER D 177 34.83 24.35 -1.76
CA SER D 177 34.76 25.47 -2.70
C SER D 177 33.41 26.16 -2.81
N GLN D 178 32.40 25.66 -2.11
CA GLN D 178 31.09 26.30 -2.18
C GLN D 178 30.67 26.86 -0.83
N ASN D 179 31.62 26.90 0.10
CA ASN D 179 31.39 27.43 1.43
C ASN D 179 30.24 26.79 2.20
N MET D 180 30.10 25.47 2.08
CA MET D 180 29.04 24.78 2.78
C MET D 180 29.56 23.94 3.92
N THR D 181 28.66 23.62 4.84
CA THR D 181 29.00 22.78 5.96
C THR D 181 28.20 21.51 5.68
N VAL D 182 28.83 20.36 5.87
CA VAL D 182 28.18 19.09 5.55
C VAL D 182 28.03 18.13 6.71
N VAL D 183 26.82 17.60 6.88
CA VAL D 183 26.58 16.59 7.89
C VAL D 183 25.90 15.42 7.18
N PHE D 184 26.51 14.23 7.28
CA PHE D 184 25.92 13.05 6.65
C PHE D 184 26.05 11.81 7.53
N THR D 185 25.03 10.96 7.48
CA THR D 185 25.03 9.73 8.26
C THR D 185 25.59 8.62 7.37
N THR D 186 26.23 7.63 8.00
CA THR D 186 26.85 6.53 7.28
C THR D 186 27.24 5.41 8.21
N HIS D 187 27.48 4.24 7.64
CA HIS D 187 27.92 3.11 8.45
C HIS D 187 29.26 2.65 7.87
N GLN D 188 29.85 3.43 6.99
CA GLN D 188 31.09 3.04 6.36
C GLN D 188 32.30 3.87 6.81
N PRO D 189 33.08 3.34 7.77
CA PRO D 189 34.26 4.04 8.29
C PRO D 189 35.25 4.52 7.25
N ASN D 190 35.42 3.77 6.17
CA ASN D 190 36.38 4.18 5.15
C ASN D 190 35.90 5.42 4.37
N GLN D 191 34.60 5.68 4.41
CA GLN D 191 34.06 6.85 3.73
C GLN D 191 34.21 8.06 4.64
N VAL D 192 34.32 7.81 5.96
CA VAL D 192 34.51 8.90 6.89
C VAL D 192 35.98 9.33 6.74
N VAL D 193 36.87 8.35 6.57
CA VAL D 193 38.30 8.62 6.37
C VAL D 193 38.47 9.50 5.12
N ALA D 194 37.75 9.12 4.07
CA ALA D 194 37.83 9.80 2.78
C ALA D 194 37.42 11.28 2.76
N ILE D 195 36.36 11.67 3.46
CA ILE D 195 35.92 13.06 3.38
C ILE D 195 35.58 13.84 4.63
N ALA D 196 35.45 13.17 5.77
CA ALA D 196 35.07 13.89 6.99
C ALA D 196 36.22 14.28 7.93
N ASN D 197 36.33 15.58 8.24
CA ASN D 197 37.37 16.04 9.16
C ASN D 197 36.88 15.87 10.60
N LYS D 198 35.58 15.68 10.77
CA LYS D 198 35.01 15.45 12.10
C LYS D 198 34.04 14.28 12.08
N THR D 199 34.00 13.51 13.16
CA THR D 199 33.10 12.38 13.21
C THR D 199 32.45 12.19 14.55
N LEU D 200 31.22 11.68 14.51
CA LEU D 200 30.43 11.42 15.70
C LEU D 200 30.05 9.94 15.63
N LEU D 201 30.62 9.14 16.52
CA LEU D 201 30.33 7.70 16.58
C LEU D 201 29.09 7.50 17.43
N LEU D 202 28.02 6.98 16.83
CA LEU D 202 26.78 6.76 17.55
C LEU D 202 26.48 5.29 17.78
N ASN D 203 26.21 4.97 19.03
CA ASN D 203 25.87 3.62 19.44
C ASN D 203 24.59 3.83 20.22
N LYS D 204 23.80 2.79 20.42
CA LYS D 204 22.57 2.97 21.19
C LYS D 204 22.98 3.04 22.66
N GLN D 205 24.27 2.86 22.91
CA GLN D 205 24.82 2.91 24.26
C GLN D 205 25.56 4.22 24.49
N ASN D 206 26.71 4.36 23.84
CA ASN D 206 27.53 5.57 23.98
C ASN D 206 27.82 6.28 22.66
N PHE D 207 28.73 7.25 22.71
CA PHE D 207 29.11 8.03 21.55
C PHE D 207 30.43 8.73 21.80
N LYS D 208 31.01 9.29 20.74
CA LYS D 208 32.27 10.02 20.84
C LYS D 208 32.32 11.01 19.69
N PHE D 209 32.69 12.24 19.99
CA PHE D 209 32.79 13.28 18.98
C PHE D 209 34.23 13.80 18.93
N GLY D 210 34.67 14.25 17.77
CA GLY D 210 36.01 14.77 17.66
C GLY D 210 36.54 14.74 16.25
N GLU D 211 37.81 15.11 16.08
CA GLU D 211 38.40 15.09 14.77
C GLU D 211 38.59 13.64 14.36
N THR D 212 38.39 13.38 13.07
CA THR D 212 38.50 12.04 12.52
C THR D 212 39.85 11.37 12.81
N ARG D 213 40.92 12.14 12.73
CA ARG D 213 42.25 11.59 13.00
C ARG D 213 42.36 11.03 14.41
N ASN D 214 41.60 11.57 15.36
CA ASN D 214 41.66 11.11 16.74
C ASN D 214 40.62 10.04 17.11
N ILE D 215 39.42 10.16 16.57
CA ILE D 215 38.34 9.23 16.87
C ILE D 215 38.31 7.90 16.10
N LEU D 216 38.69 7.92 14.82
CA LEU D 216 38.67 6.70 14.00
C LEU D 216 39.84 5.77 14.26
N THR D 217 39.68 4.88 15.23
CA THR D 217 40.71 3.92 15.58
C THR D 217 40.09 2.53 15.69
N SER D 218 40.94 1.52 15.59
CA SER D 218 40.50 0.13 15.70
C SER D 218 39.78 -0.09 17.01
N GLU D 219 40.31 0.50 18.07
CA GLU D 219 39.73 0.36 19.39
C GLU D 219 38.29 0.90 19.41
N ASN D 220 38.11 2.16 19.00
CA ASN D 220 36.78 2.76 18.99
C ASN D 220 35.80 2.05 18.05
N LEU D 221 36.26 1.64 16.87
CA LEU D 221 35.38 0.96 15.93
C LEU D 221 35.03 -0.44 16.41
N THR D 222 36.00 -1.14 16.99
CA THR D 222 35.77 -2.47 17.52
C THR D 222 34.69 -2.37 18.60
N ALA D 223 34.83 -1.35 19.45
CA ALA D 223 33.86 -1.14 20.53
C ALA D 223 32.51 -0.69 19.96
N LEU D 224 32.53 0.12 18.92
CA LEU D 224 31.30 0.61 18.31
C LEU D 224 30.56 -0.47 17.52
N PHE D 225 31.29 -1.30 16.78
CA PHE D 225 30.70 -2.35 15.96
C PHE D 225 30.52 -3.71 16.63
N HIS D 226 31.14 -3.91 17.80
CA HIS D 226 31.02 -5.17 18.52
C HIS D 226 31.63 -6.32 17.71
N LEU D 227 32.69 -6.01 17.00
CA LEU D 227 33.38 -6.98 16.17
C LEU D 227 34.77 -6.38 15.98
N PRO D 228 35.82 -7.21 16.03
CA PRO D 228 37.14 -6.61 15.85
C PRO D 228 37.27 -5.91 14.51
N MET D 229 37.79 -4.68 14.54
CA MET D 229 37.99 -3.88 13.35
C MET D 229 39.48 -3.66 13.11
N PHE D 230 39.96 -4.14 11.98
CA PHE D 230 41.36 -4.03 11.63
C PHE D 230 41.67 -2.71 10.94
N GLU D 231 42.72 -2.04 11.38
CA GLU D 231 43.15 -0.77 10.82
C GLU D 231 44.47 -0.99 10.10
N GLN D 232 44.56 -0.50 8.88
CA GLN D 232 45.77 -0.69 8.11
C GLN D 232 46.03 0.49 7.21
N GLN D 233 47.31 0.83 7.06
CA GLN D 233 47.69 1.92 6.18
C GLN D 233 47.95 1.30 4.82
N ALA D 234 47.10 1.62 3.86
CA ALA D 234 47.22 1.10 2.52
C ALA D 234 47.89 2.14 1.63
N GLN D 235 48.55 1.67 0.58
CA GLN D 235 49.22 2.57 -0.35
C GLN D 235 48.82 2.24 -1.78
N TYR D 236 48.67 3.27 -2.59
CA TYR D 236 48.31 3.11 -3.99
C TYR D 236 49.16 4.05 -4.83
N LYS D 237 50.24 3.51 -5.37
CA LYS D 237 51.15 4.28 -6.20
C LYS D 237 51.46 5.64 -5.58
N GLU D 238 52.30 5.63 -4.54
CA GLU D 238 52.73 6.83 -3.82
C GLU D 238 51.66 7.44 -2.92
N SER D 239 50.43 6.96 -3.04
CA SER D 239 49.33 7.47 -2.21
C SER D 239 49.06 6.52 -1.06
N PHE D 240 49.07 7.05 0.16
CA PHE D 240 48.84 6.24 1.35
C PHE D 240 47.66 6.77 2.17
N PHE D 241 46.81 5.85 2.63
CA PHE D 241 45.63 6.23 3.41
C PHE D 241 45.21 5.13 4.37
N THR D 242 44.56 5.50 5.47
CA THR D 242 44.12 4.51 6.43
C THR D 242 42.84 3.81 5.95
N HIS D 243 42.77 2.51 6.21
CA HIS D 243 41.65 1.68 5.79
C HIS D 243 41.26 0.68 6.86
N PHE D 244 39.96 0.53 7.07
CA PHE D 244 39.46 -0.40 8.08
C PHE D 244 38.76 -1.58 7.43
N VAL D 245 38.94 -2.74 8.02
CA VAL D 245 38.31 -3.94 7.51
C VAL D 245 37.75 -4.72 8.70
N PRO D 246 36.47 -5.09 8.63
CA PRO D 246 35.85 -5.84 9.72
C PRO D 246 36.40 -7.25 9.72
N LEU D 247 36.89 -7.71 10.87
CA LEU D 247 37.47 -9.04 10.97
C LEU D 247 36.49 -10.17 11.28
N TYR D 248 35.83 -10.69 10.24
CA TYR D 248 34.91 -11.79 10.44
C TYR D 248 35.74 -13.02 10.78
N LYS D 249 35.21 -13.87 11.63
CA LYS D 249 35.91 -15.08 12.01
C LYS D 249 36.31 -15.88 10.76
N THR D 250 35.39 -15.97 9.79
CA THR D 250 35.64 -16.71 8.55
C THR D 250 36.65 -16.04 7.65
N LEU D 251 36.90 -14.75 7.86
CA LEU D 251 37.86 -14.04 7.03
C LEU D 251 39.25 -14.46 7.50
N LEU D 252 39.38 -14.72 8.79
CA LEU D 252 40.65 -15.15 9.36
C LEU D 252 40.83 -16.64 9.15
#